data_2WXD
#
_entry.id   2WXD
#
_cell.length_a   136.245
_cell.length_b   137.567
_cell.length_c   80.723
_cell.angle_alpha   90.00
_cell.angle_beta   90.00
_cell.angle_gamma   90.00
#
_symmetry.space_group_name_H-M   'C 2 2 21'
#
loop_
_entity.id
_entity.type
_entity.pdbx_description
1 polymer MYROSINASE
2 branched 2-acetamido-2-deoxy-beta-D-glucopyranose-(1-4)-2-acetamido-2-deoxy-beta-D-glucopyranose
3 branched beta-D-xylopyranose-(1-2)-beta-D-mannopyranose-(1-4)-2-acetamido-2-deoxy-beta-D-glucopyranose-(1-4)-[alpha-L-fucopyranose-(1-3)]2-acetamido-2-deoxy-beta-D-glucopyranose
4 branched beta-D-xylopyranose-(1-2)-[alpha-D-mannopyranose-(1-3)][alpha-D-mannopyranose-(1-6)]beta-D-mannopyranose-(1-4)-2-acetamido-2-deoxy-beta-D-glucopyranose-(1-4)-[alpha-L-fucopyranose-(1-3)]2-acetamido-2-deoxy-beta-D-glucopyranose
5 non-polymer 2-acetamido-2-deoxy-beta-D-glucopyranose
6 non-polymer '2-(DIMETHYLAMINO)ETHYL (1Z)-2-PHENYL-N-(SULFOOXY)ETHANIMIDOTHIOATE'
7 non-polymer 'ZINC ION'
8 non-polymer 'SULFATE ION'
9 non-polymer GLYCEROL
10 water water
#
_entity_poly.entity_id   1
_entity_poly.type   'polypeptide(L)'
_entity_poly.pdbx_seq_one_letter_code
;DEEITCQENLPFTCGNTDALNSSSFSSDFIFGVASSAYQIEGTIGRGLNIWDGFTHRYPNKSGPDHGNGDTTCDSFSYWQ
KDIDVLDELNATGYRFSIAWSRIIPRGKRSRGVNEKGIDYYHGLISGLIKKGITPFVTLFHWDLPQTLQDEYEGFLDPQI
IDDFKDYADLCFEEFGDSVKYWLTINQLYSVPTRGYGSALDAPGRCSPTVDPSCYAGNSSTEPYIVAHHQLLAHAKVVDL
YRKNYTHQGGKIGPTMITRWFLPYNDTDRHSIAATERMKEFFLGWFMGPLTNGTYPQIMIDTVGERLPSFSPEESNLVKG
SYDFLGLNYYFTQYAQPSPNPVNSTNHTAMMDAGAKLTYINASGHYIGPLFEKDKADSTDNIYYYPKGIYSVMDYFKNKY
YNPLIYVTENGISTPGDENRNQSMLDYTRIDYLCSHLCFLNKVIKEKDVNVKGYLAWALGDNYEFNKGFTVRFGLSYIDW
NNVTDRDLKKSGQWYQSFISP
;
_entity_poly.pdbx_strand_id   M
#
loop_
_chem_comp.id
_chem_comp.type
_chem_comp.name
_chem_comp.formula
BMA D-saccharide, beta linking beta-D-mannopyranose 'C6 H12 O6'
E18 non-polymer '2-(DIMETHYLAMINO)ETHYL (1Z)-2-PHENYL-N-(SULFOOXY)ETHANIMIDOTHIOATE' 'C12 H18 N2 O4 S2'
FUC L-saccharide, alpha linking alpha-L-fucopyranose 'C6 H12 O5'
GOL non-polymer GLYCEROL 'C3 H8 O3'
MAN D-saccharide, alpha linking alpha-D-mannopyranose 'C6 H12 O6'
NAG D-saccharide, beta linking 2-acetamido-2-deoxy-beta-D-glucopyranose 'C8 H15 N O6'
SO4 non-polymer 'SULFATE ION' 'O4 S -2'
XYP D-saccharide, beta linking beta-D-xylopyranose 'C5 H10 O5'
ZN non-polymer 'ZINC ION' 'Zn 2'
#
# COMPACT_ATOMS: atom_id res chain seq x y z
N GLU A 3 7.14 30.48 8.72
CA GLU A 3 5.73 30.11 8.33
C GLU A 3 5.80 29.42 6.94
N ILE A 4 5.08 28.32 6.75
CA ILE A 4 5.26 27.48 5.52
C ILE A 4 4.03 27.56 4.63
N THR A 5 4.20 27.91 3.37
CA THR A 5 3.09 28.03 2.41
C THR A 5 3.31 26.95 1.37
N CYS A 6 2.32 26.12 1.17
CA CYS A 6 2.42 25.04 0.13
C CYS A 6 1.32 25.30 -0.89
N GLN A 7 1.63 24.94 -2.09
CA GLN A 7 0.72 25.04 -3.22
C GLN A 7 -0.18 23.82 -3.38
N GLU A 8 -1.41 24.07 -3.82
CA GLU A 8 -2.44 23.09 -3.99
C GLU A 8 -2.76 22.84 -5.46
N ASN A 9 -2.44 23.83 -6.29
CA ASN A 9 -2.86 23.80 -7.73
C ASN A 9 -1.67 24.08 -8.65
N LEU A 10 -1.74 23.58 -9.88
CA LEU A 10 -0.76 23.89 -10.88
C LEU A 10 -0.75 25.41 -11.12
N PRO A 11 0.44 25.96 -11.39
CA PRO A 11 1.76 25.35 -11.42
C PRO A 11 2.38 25.33 -10.04
N PHE A 12 3.20 24.30 -9.83
CA PHE A 12 3.99 24.14 -8.63
C PHE A 12 5.37 24.74 -8.86
N THR A 13 5.92 25.25 -7.78
CA THR A 13 7.31 25.75 -7.81
C THR A 13 8.20 25.00 -6.82
N CYS A 14 7.70 23.89 -6.20
CA CYS A 14 8.46 23.16 -5.17
C CYS A 14 9.51 22.23 -5.68
N GLY A 15 9.72 22.16 -7.00
CA GLY A 15 10.75 21.40 -7.57
C GLY A 15 12.13 22.01 -7.45
N ASN A 16 12.18 23.25 -6.93
CA ASN A 16 13.40 23.96 -6.77
C ASN A 16 13.97 23.68 -5.43
N THR A 17 15.07 22.94 -5.47
CA THR A 17 15.67 22.44 -4.25
C THR A 17 16.36 23.52 -3.39
N ASP A 18 16.43 24.72 -3.94
CA ASP A 18 16.70 25.86 -3.07
C ASP A 18 15.59 26.16 -2.07
N ALA A 19 14.34 25.86 -2.41
CA ALA A 19 13.18 26.22 -1.61
C ALA A 19 12.83 24.98 -0.75
N LEU A 20 12.98 23.77 -1.29
CA LEU A 20 12.54 22.55 -0.54
C LEU A 20 13.56 21.46 -0.79
N ASN A 21 14.10 20.87 0.31
CA ASN A 21 15.03 19.82 0.19
C ASN A 21 15.05 19.04 1.49
N SER A 22 15.87 18.05 1.56
CA SER A 22 15.90 17.12 2.75
C SER A 22 16.28 17.94 4.04
N SER A 23 17.06 19.01 3.92
CA SER A 23 17.38 19.83 5.07
C SER A 23 16.28 20.60 5.66
N SER A 24 15.15 20.70 4.94
CA SER A 24 13.97 21.23 5.43
C SER A 24 13.37 20.39 6.57
N PHE A 25 13.70 19.09 6.59
CA PHE A 25 13.25 18.14 7.55
C PHE A 25 14.23 17.89 8.64
N SER A 26 13.87 17.11 9.66
CA SER A 26 14.84 16.84 10.74
C SER A 26 15.99 16.00 10.22
N SER A 27 17.17 16.14 10.86
CA SER A 27 18.30 15.45 10.33
C SER A 27 18.19 13.90 10.28
N ASP A 28 17.45 13.34 11.13
CA ASP A 28 17.35 11.87 11.19
C ASP A 28 16.29 11.26 10.15
N PHE A 29 15.66 12.17 9.43
CA PHE A 29 14.50 11.79 8.62
C PHE A 29 14.99 10.88 7.51
N ILE A 30 14.27 9.81 7.24
CA ILE A 30 14.65 8.81 6.22
C ILE A 30 13.94 9.13 4.92
N PHE A 31 14.70 9.12 3.82
CA PHE A 31 14.16 9.33 2.48
C PHE A 31 14.56 8.13 1.62
N GLY A 32 13.53 7.63 0.90
CA GLY A 32 13.81 6.54 0.03
C GLY A 32 12.68 6.31 -0.95
N VAL A 33 12.62 5.02 -1.38
CA VAL A 33 11.65 4.55 -2.40
C VAL A 33 11.26 3.17 -1.95
N ALA A 34 10.24 2.65 -2.60
CA ALA A 34 9.55 1.41 -2.25
C ALA A 34 9.29 0.58 -3.48
N SER A 35 9.12 -0.70 -3.19
CA SER A 35 8.83 -1.73 -4.19
C SER A 35 8.05 -2.89 -3.54
N SER A 36 7.57 -3.88 -4.30
CA SER A 36 7.04 -5.12 -3.77
C SER A 36 7.43 -6.30 -4.63
N ALA A 37 7.42 -7.46 -4.00
CA ALA A 37 8.09 -8.63 -4.65
C ALA A 37 7.36 -9.13 -5.89
N TYR A 38 6.06 -9.22 -5.85
CA TYR A 38 5.37 -9.69 -7.05
C TYR A 38 5.64 -8.74 -8.22
N GLN A 39 5.68 -7.47 -7.89
CA GLN A 39 5.80 -6.44 -8.90
C GLN A 39 7.15 -6.34 -9.56
N ILE A 40 8.22 -6.80 -8.86
CA ILE A 40 9.61 -6.64 -9.34
C ILE A 40 10.37 -7.88 -9.57
N GLU A 41 10.13 -9.01 -8.86
CA GLU A 41 11.16 -10.04 -8.86
C GLU A 41 11.11 -10.95 -10.10
N GLY A 42 9.94 -11.39 -10.43
CA GLY A 42 9.75 -12.49 -11.42
C GLY A 42 9.48 -13.79 -10.70
N THR A 43 8.97 -14.81 -11.41
CA THR A 43 8.69 -16.08 -10.80
C THR A 43 9.88 -17.02 -10.70
N ILE A 44 10.98 -16.75 -11.37
CA ILE A 44 12.19 -17.57 -11.29
C ILE A 44 12.55 -17.79 -9.83
N GLY A 45 12.77 -19.02 -9.38
CA GLY A 45 13.26 -19.30 -8.11
C GLY A 45 12.21 -19.31 -6.97
N ARG A 46 10.94 -19.15 -7.29
CA ARG A 46 9.90 -19.22 -6.27
C ARG A 46 8.72 -20.09 -6.67
N GLY A 47 7.91 -20.41 -5.68
CA GLY A 47 6.65 -21.08 -5.86
C GLY A 47 5.64 -20.10 -6.43
N LEU A 48 4.42 -20.64 -6.68
CA LEU A 48 3.36 -19.81 -7.25
C LEU A 48 2.45 -19.32 -6.17
N ASN A 49 2.02 -18.08 -6.38
CA ASN A 49 1.13 -17.39 -5.45
C ASN A 49 -0.18 -16.99 -6.12
N ILE A 50 -1.09 -16.36 -5.33
CA ILE A 50 -2.40 -16.04 -5.86
C ILE A 50 -2.39 -14.94 -6.91
N TRP A 51 -1.35 -14.12 -6.93
CA TRP A 51 -1.23 -13.15 -8.02
C TRP A 51 -0.80 -13.85 -9.29
N ASP A 52 0.09 -14.87 -9.23
CA ASP A 52 0.31 -15.66 -10.42
C ASP A 52 -1.05 -16.28 -10.81
N GLY A 53 -1.77 -16.86 -9.87
CA GLY A 53 -2.98 -17.57 -10.18
C GLY A 53 -4.02 -16.70 -10.78
N PHE A 54 -4.23 -15.52 -10.19
CA PHE A 54 -5.26 -14.59 -10.66
C PHE A 54 -4.90 -14.02 -12.03
N THR A 55 -3.67 -13.54 -12.24
CA THR A 55 -3.30 -12.97 -13.54
C THR A 55 -3.36 -14.00 -14.63
N HIS A 56 -3.21 -15.30 -14.36
CA HIS A 56 -3.20 -16.29 -15.38
C HIS A 56 -4.64 -16.85 -15.64
N ARG A 57 -5.47 -16.95 -14.62
CA ARG A 57 -6.84 -17.47 -14.73
C ARG A 57 -7.75 -16.37 -15.38
N TYR A 58 -7.46 -15.12 -15.03
CA TYR A 58 -8.26 -13.94 -15.43
C TYR A 58 -7.37 -12.91 -16.11
N PRO A 59 -6.83 -13.25 -17.29
CA PRO A 59 -5.87 -12.33 -17.86
C PRO A 59 -6.41 -10.93 -18.14
N ASN A 60 -7.68 -10.80 -18.43
CA ASN A 60 -8.18 -9.44 -18.58
C ASN A 60 -8.32 -8.61 -17.34
N LYS A 61 -8.13 -9.23 -16.18
CA LYS A 61 -8.12 -8.55 -14.92
C LYS A 61 -6.63 -8.22 -14.47
N SER A 62 -5.69 -8.85 -15.19
CA SER A 62 -4.24 -8.60 -14.84
C SER A 62 -3.86 -7.20 -15.25
N GLY A 63 -4.42 -6.74 -16.39
CA GLY A 63 -4.10 -5.45 -16.97
C GLY A 63 -4.72 -5.43 -18.36
N PRO A 64 -4.85 -4.21 -18.91
CA PRO A 64 -5.42 -4.13 -20.26
C PRO A 64 -4.57 -4.82 -21.25
N ASP A 65 -3.27 -4.88 -21.01
CA ASP A 65 -2.26 -5.54 -21.79
C ASP A 65 -2.05 -7.02 -21.42
N HIS A 66 -2.87 -7.57 -20.51
CA HIS A 66 -2.67 -8.90 -20.02
C HIS A 66 -1.32 -9.13 -19.41
N GLY A 67 -0.61 -8.09 -19.01
CA GLY A 67 0.67 -8.23 -18.42
C GLY A 67 0.60 -8.79 -17.03
N ASN A 68 1.71 -9.42 -16.60
CA ASN A 68 1.79 -10.04 -15.29
C ASN A 68 3.17 -10.00 -14.76
N GLY A 69 3.38 -10.54 -13.54
CA GLY A 69 4.67 -10.49 -12.88
C GLY A 69 5.62 -11.63 -13.21
N ASP A 70 5.41 -12.35 -14.34
CA ASP A 70 6.28 -13.46 -14.62
C ASP A 70 7.79 -13.15 -14.71
N THR A 71 8.11 -12.08 -15.40
CA THR A 71 9.50 -11.61 -15.51
C THR A 71 9.64 -10.21 -14.97
N THR A 72 8.73 -9.30 -15.31
CA THR A 72 8.76 -7.94 -14.87
C THR A 72 10.18 -7.32 -14.97
N CYS A 73 10.62 -6.55 -13.99
CA CYS A 73 11.95 -5.95 -14.10
C CYS A 73 13.06 -6.88 -13.68
N ASP A 74 12.77 -8.15 -13.40
CA ASP A 74 13.73 -9.15 -13.09
C ASP A 74 14.67 -8.69 -11.97
N SER A 75 14.11 -8.25 -10.86
CA SER A 75 14.94 -7.94 -9.70
C SER A 75 15.47 -9.18 -9.05
N PHE A 76 14.98 -10.38 -9.31
CA PHE A 76 15.67 -11.54 -8.92
C PHE A 76 17.11 -11.55 -9.46
N SER A 77 17.25 -11.28 -10.76
CA SER A 77 18.57 -11.16 -11.34
C SER A 77 19.28 -9.87 -11.10
N TYR A 78 18.58 -8.80 -11.08
CA TYR A 78 19.10 -7.47 -11.15
C TYR A 78 18.95 -6.70 -9.82
N TRP A 79 18.87 -7.41 -8.70
CA TRP A 79 18.81 -6.71 -7.37
C TRP A 79 19.92 -5.74 -7.14
N GLN A 80 21.16 -6.07 -7.64
CA GLN A 80 22.24 -5.13 -7.45
C GLN A 80 22.01 -3.82 -8.17
N LYS A 81 21.33 -3.86 -9.32
CA LYS A 81 20.97 -2.61 -10.05
C LYS A 81 19.97 -1.78 -9.27
N ASP A 82 19.09 -2.45 -8.53
CA ASP A 82 18.16 -1.70 -7.63
C ASP A 82 19.01 -0.96 -6.55
N ILE A 83 19.96 -1.69 -5.93
CA ILE A 83 20.81 -1.07 -4.89
C ILE A 83 21.54 0.11 -5.57
N ASP A 84 21.99 -0.09 -6.82
CA ASP A 84 22.74 1.03 -7.49
C ASP A 84 21.88 2.30 -7.66
N VAL A 85 20.58 2.15 -7.96
CA VAL A 85 19.67 3.27 -8.02
C VAL A 85 19.56 3.95 -6.69
N LEU A 86 19.41 3.18 -5.63
CA LEU A 86 19.31 3.75 -4.30
C LEU A 86 20.57 4.49 -3.88
N ASP A 87 21.73 3.90 -4.25
CA ASP A 87 23.08 4.51 -3.99
C ASP A 87 23.15 5.79 -4.76
N GLU A 88 22.74 5.84 -6.07
CA GLU A 88 22.69 7.08 -6.83
C GLU A 88 21.89 8.14 -6.20
N LEU A 89 20.75 7.74 -5.63
CA LEU A 89 19.88 8.69 -4.92
C LEU A 89 20.42 9.14 -3.57
N ASN A 90 21.38 8.46 -3.00
CA ASN A 90 21.83 8.71 -1.63
C ASN A 90 20.62 8.52 -0.71
N ALA A 91 19.81 7.54 -1.10
CA ALA A 91 18.69 7.12 -0.22
C ALA A 91 19.16 6.56 1.05
N THR A 92 18.36 6.83 2.12
CA THR A 92 18.62 6.19 3.36
C THR A 92 17.62 5.14 3.77
N GLY A 93 16.58 4.94 2.96
CA GLY A 93 15.70 3.85 3.20
C GLY A 93 15.20 3.19 1.92
N TYR A 94 14.81 1.91 2.05
CA TYR A 94 14.23 1.18 0.92
C TYR A 94 13.21 0.24 1.51
N ARG A 95 11.99 0.34 1.00
CA ARG A 95 10.93 -0.62 1.36
C ARG A 95 10.79 -1.65 0.28
N PHE A 96 10.93 -2.89 0.64
CA PHE A 96 10.74 -4.01 -0.24
C PHE A 96 9.92 -5.04 0.46
N SER A 97 9.43 -6.05 -0.29
CA SER A 97 8.70 -7.15 0.34
C SER A 97 9.37 -8.46 0.13
N ILE A 98 9.18 -9.36 1.07
CA ILE A 98 9.58 -10.73 0.96
C ILE A 98 8.46 -11.52 0.35
N ALA A 99 8.74 -12.32 -0.66
CA ALA A 99 7.72 -13.17 -1.26
C ALA A 99 7.64 -14.46 -0.43
N TRP A 100 6.54 -14.67 0.22
CA TRP A 100 6.32 -15.89 0.98
C TRP A 100 6.64 -17.08 0.07
N SER A 101 6.15 -17.09 -1.14
CA SER A 101 6.39 -18.20 -2.07
C SER A 101 7.83 -18.38 -2.44
N ARG A 102 8.71 -17.43 -2.16
CA ARG A 102 10.14 -17.59 -2.47
C ARG A 102 10.83 -18.28 -1.28
N ILE A 103 10.41 -18.06 -0.06
CA ILE A 103 11.04 -18.72 1.09
C ILE A 103 10.39 -19.92 1.60
N ILE A 104 9.04 -20.02 1.45
CA ILE A 104 8.30 -21.23 1.75
C ILE A 104 7.37 -21.52 0.60
N PRO A 105 7.88 -22.11 -0.45
CA PRO A 105 7.04 -22.33 -1.62
C PRO A 105 5.83 -23.17 -1.33
N ARG A 106 5.88 -24.08 -0.38
CA ARG A 106 4.74 -24.91 -0.07
C ARG A 106 3.83 -24.33 1.03
N GLY A 107 3.98 -23.04 1.33
CA GLY A 107 3.12 -22.27 2.19
C GLY A 107 3.36 -22.50 3.67
N LYS A 108 3.11 -23.72 4.12
CA LYS A 108 3.27 -24.13 5.50
C LYS A 108 4.71 -24.45 5.80
N ARG A 109 5.27 -23.80 6.82
CA ARG A 109 6.68 -23.90 7.12
C ARG A 109 7.18 -25.33 7.36
N SER A 110 6.35 -26.11 7.98
CA SER A 110 6.76 -27.50 8.28
C SER A 110 7.08 -28.28 7.00
N ARG A 111 6.58 -27.83 5.83
CA ARG A 111 6.87 -28.52 4.57
C ARG A 111 8.22 -28.22 4.02
N GLY A 112 8.96 -27.29 4.62
CA GLY A 112 10.31 -26.99 4.16
C GLY A 112 10.50 -25.58 3.73
N VAL A 113 11.73 -25.13 3.74
CA VAL A 113 12.12 -23.81 3.34
C VAL A 113 12.95 -23.89 2.09
N ASN A 114 12.94 -22.86 1.31
CA ASN A 114 13.82 -22.72 0.19
C ASN A 114 15.09 -21.93 0.55
N GLU A 115 16.18 -22.68 0.75
CA GLU A 115 17.40 -22.04 1.21
C GLU A 115 17.93 -21.04 0.21
N LYS A 116 17.78 -21.29 -1.11
CA LYS A 116 18.19 -20.33 -2.08
C LYS A 116 17.38 -19.03 -2.08
N GLY A 117 16.11 -19.15 -1.69
CA GLY A 117 15.25 -17.98 -1.48
C GLY A 117 15.68 -17.14 -0.37
N ILE A 118 16.01 -17.79 0.72
CA ILE A 118 16.53 -17.13 1.90
C ILE A 118 17.80 -16.42 1.58
N ASP A 119 18.69 -17.07 0.82
CA ASP A 119 19.93 -16.45 0.39
C ASP A 119 19.78 -15.23 -0.48
N TYR A 120 18.77 -15.20 -1.32
CA TYR A 120 18.43 -14.04 -2.14
C TYR A 120 18.22 -12.80 -1.27
N TYR A 121 17.39 -12.96 -0.23
CA TYR A 121 17.10 -11.81 0.61
C TYR A 121 18.31 -11.46 1.48
N HIS A 122 19.02 -12.47 1.96
CA HIS A 122 20.23 -12.15 2.72
C HIS A 122 21.18 -11.30 1.89
N GLY A 123 21.38 -11.61 0.58
CA GLY A 123 22.24 -10.82 -0.24
C GLY A 123 21.79 -9.41 -0.47
N LEU A 124 20.48 -9.26 -0.66
CA LEU A 124 19.91 -7.94 -0.81
C LEU A 124 20.07 -7.08 0.40
N ILE A 125 19.71 -7.63 1.55
CA ILE A 125 19.75 -6.93 2.79
C ILE A 125 21.19 -6.53 3.11
N SER A 126 22.10 -7.48 2.92
CA SER A 126 23.52 -7.13 3.19
C SER A 126 23.99 -6.01 2.22
N GLY A 127 23.56 -6.03 0.97
CA GLY A 127 23.98 -5.04 0.10
C GLY A 127 23.43 -3.66 0.41
N LEU A 128 22.17 -3.61 0.84
CA LEU A 128 21.58 -2.36 1.27
C LEU A 128 22.37 -1.78 2.44
N ILE A 129 22.56 -2.59 3.48
CA ILE A 129 23.16 -2.06 4.73
C ILE A 129 24.54 -1.58 4.34
N LYS A 130 25.22 -2.30 3.48
CA LYS A 130 26.60 -1.91 3.06
C LYS A 130 26.65 -0.56 2.42
N LYS A 131 25.58 -0.05 1.88
CA LYS A 131 25.48 1.22 1.21
C LYS A 131 24.72 2.25 2.11
N GLY A 132 24.49 1.91 3.38
CA GLY A 132 23.82 2.82 4.28
C GLY A 132 22.37 3.05 4.19
N ILE A 133 21.73 2.05 3.60
CA ILE A 133 20.29 2.11 3.35
C ILE A 133 19.60 1.24 4.39
N THR A 134 18.62 1.79 5.11
CA THR A 134 17.76 1.13 6.05
C THR A 134 16.67 0.34 5.35
N PRO A 135 16.67 -1.01 5.48
CA PRO A 135 15.55 -1.71 4.90
C PRO A 135 14.26 -1.60 5.73
N PHE A 136 13.10 -1.44 5.08
CA PHE A 136 11.79 -1.48 5.67
C PHE A 136 11.12 -2.68 4.97
N VAL A 137 10.90 -3.80 5.64
CA VAL A 137 10.56 -5.06 4.97
C VAL A 137 9.14 -5.42 5.22
N THR A 138 8.38 -5.49 4.10
CA THR A 138 6.98 -5.93 4.15
C THR A 138 6.89 -7.46 4.13
N LEU A 139 6.27 -8.08 5.12
CA LEU A 139 6.15 -9.57 5.15
C LEU A 139 5.17 -10.06 4.10
N PHE A 140 4.08 -9.32 3.90
CA PHE A 140 2.98 -9.78 3.07
C PHE A 140 2.50 -8.61 2.24
N HIS A 141 2.91 -8.58 1.00
CA HIS A 141 2.40 -7.66 0.00
C HIS A 141 1.54 -8.39 -1.07
N TRP A 142 0.55 -9.08 -0.54
CA TRP A 142 -0.59 -9.64 -1.27
C TRP A 142 -0.32 -11.01 -1.93
N ASP A 143 0.94 -11.41 -2.00
CA ASP A 143 1.36 -12.59 -2.80
C ASP A 143 1.28 -13.87 -1.99
N LEU A 144 0.07 -14.29 -1.60
CA LEU A 144 -0.10 -15.51 -0.75
C LEU A 144 0.24 -16.70 -1.63
N PRO A 145 0.94 -17.68 -1.08
CA PRO A 145 1.14 -18.99 -1.75
C PRO A 145 -0.18 -19.57 -2.21
N GLN A 146 -0.22 -20.00 -3.47
CA GLN A 146 -1.45 -20.46 -4.05
C GLN A 146 -2.01 -21.67 -3.32
N THR A 147 -1.11 -22.55 -2.86
CA THR A 147 -1.49 -23.70 -2.08
C THR A 147 -2.43 -23.34 -0.94
N LEU A 148 -2.15 -22.24 -0.19
CA LEU A 148 -2.97 -21.86 0.96
C LEU A 148 -4.34 -21.38 0.50
N GLN A 149 -4.42 -20.67 -0.61
CA GLN A 149 -5.70 -20.27 -1.15
C GLN A 149 -6.49 -21.50 -1.56
N ASP A 150 -5.81 -22.49 -2.13
CA ASP A 150 -6.48 -23.70 -2.60
C ASP A 150 -6.84 -24.62 -1.45
N GLU A 151 -6.03 -24.69 -0.40
CA GLU A 151 -6.38 -25.49 0.78
C GLU A 151 -7.60 -25.02 1.51
N TYR A 152 -7.62 -23.71 1.83
CA TYR A 152 -8.61 -23.16 2.76
C TYR A 152 -9.03 -21.78 2.41
N GLU A 153 -8.79 -21.31 1.20
CA GLU A 153 -9.20 -20.00 0.75
C GLU A 153 -8.50 -18.93 1.56
N GLY A 154 -7.22 -19.15 1.93
CA GLY A 154 -6.39 -18.08 2.36
C GLY A 154 -6.92 -17.31 3.56
N PHE A 155 -6.93 -15.99 3.44
CA PHE A 155 -7.36 -15.17 4.51
C PHE A 155 -8.85 -15.29 4.85
N LEU A 156 -9.64 -16.05 4.05
CA LEU A 156 -11.01 -16.33 4.39
C LEU A 156 -11.15 -17.23 5.56
N ASP A 157 -10.12 -17.98 5.92
CA ASP A 157 -10.18 -18.99 6.92
C ASP A 157 -9.24 -18.69 8.05
N PRO A 158 -9.63 -18.98 9.30
CA PRO A 158 -8.72 -18.74 10.43
C PRO A 158 -7.40 -19.53 10.44
N GLN A 159 -7.30 -20.57 9.62
CA GLN A 159 -6.05 -21.32 9.46
C GLN A 159 -4.93 -20.43 8.97
N ILE A 160 -5.27 -19.30 8.33
CA ILE A 160 -4.20 -18.43 7.85
C ILE A 160 -3.37 -17.95 9.01
N ILE A 161 -3.94 -17.76 10.22
CA ILE A 161 -3.23 -17.08 11.28
C ILE A 161 -1.96 -17.82 11.66
N ASP A 162 -2.06 -19.13 11.87
CA ASP A 162 -0.88 -19.86 12.22
C ASP A 162 0.11 -20.01 11.11
N ASP A 163 -0.34 -20.15 9.84
CA ASP A 163 0.58 -20.26 8.71
C ASP A 163 1.29 -18.93 8.54
N PHE A 164 0.62 -17.78 8.66
CA PHE A 164 1.27 -16.51 8.58
C PHE A 164 2.29 -16.32 9.71
N LYS A 165 1.88 -16.70 10.92
CA LYS A 165 2.77 -16.62 12.06
C LYS A 165 4.07 -17.42 11.87
N ASP A 166 3.99 -18.62 11.34
CA ASP A 166 5.17 -19.46 11.18
C ASP A 166 6.08 -18.87 10.12
N TYR A 167 5.50 -18.28 9.04
CA TYR A 167 6.28 -17.58 8.01
C TYR A 167 6.98 -16.36 8.56
N ALA A 168 6.28 -15.54 9.33
CA ALA A 168 6.86 -14.39 9.93
C ALA A 168 8.00 -14.74 10.86
N ASP A 169 7.77 -15.82 11.63
CA ASP A 169 8.78 -16.35 12.58
C ASP A 169 10.07 -16.68 11.83
N LEU A 170 9.96 -17.35 10.66
CA LEU A 170 11.11 -17.62 9.84
C LEU A 170 11.80 -16.38 9.41
N CYS A 171 11.06 -15.35 8.93
CA CYS A 171 11.62 -14.09 8.46
C CYS A 171 12.40 -13.45 9.62
N PHE A 172 11.81 -13.40 10.83
CA PHE A 172 12.51 -12.74 11.94
C PHE A 172 13.76 -13.53 12.31
N GLU A 173 13.65 -14.82 12.32
CA GLU A 173 14.84 -15.66 12.62
C GLU A 173 15.92 -15.40 11.61
N GLU A 174 15.62 -15.40 10.32
CA GLU A 174 16.68 -15.33 9.33
C GLU A 174 17.18 -13.99 9.09
N PHE A 175 16.34 -12.92 9.14
CA PHE A 175 16.71 -11.61 8.73
C PHE A 175 16.77 -10.54 9.79
N GLY A 176 16.11 -10.82 10.93
CA GLY A 176 15.89 -9.80 11.96
C GLY A 176 17.17 -9.30 12.67
N ASP A 177 18.28 -10.05 12.53
CA ASP A 177 19.49 -9.43 13.02
C ASP A 177 19.93 -8.25 12.28
N SER A 178 19.48 -8.02 11.04
CA SER A 178 19.81 -6.94 10.23
C SER A 178 18.68 -6.00 9.89
N VAL A 179 17.45 -6.52 9.85
CA VAL A 179 16.27 -5.69 9.53
C VAL A 179 15.59 -5.27 10.84
N LYS A 180 15.42 -3.97 10.96
CA LYS A 180 14.86 -3.36 12.18
C LYS A 180 13.58 -2.69 12.01
N TYR A 181 13.00 -2.68 10.78
CA TYR A 181 11.73 -2.09 10.52
C TYR A 181 10.93 -3.12 9.67
N TRP A 182 9.86 -3.66 10.25
CA TRP A 182 9.04 -4.68 9.62
C TRP A 182 7.65 -4.15 9.44
N LEU A 183 7.07 -4.43 8.25
CA LEU A 183 5.69 -4.17 7.96
C LEU A 183 4.98 -5.48 7.82
N THR A 184 3.81 -5.66 8.42
CA THR A 184 3.10 -6.95 8.38
C THR A 184 2.36 -7.19 7.10
N ILE A 185 1.23 -6.56 6.94
CA ILE A 185 0.34 -6.69 5.76
C ILE A 185 0.23 -5.41 5.06
N ASN A 186 0.49 -5.36 3.76
CA ASN A 186 0.28 -4.18 2.94
C ASN A 186 -1.14 -3.75 2.73
N GLN A 187 -1.46 -2.48 3.08
CA GLN A 187 -2.77 -1.84 2.86
C GLN A 187 -3.90 -2.74 3.32
N LEU A 188 -4.20 -2.73 4.59
CA LEU A 188 -5.19 -3.61 5.12
C LEU A 188 -6.55 -3.55 4.39
N TYR A 189 -6.97 -2.38 4.00
CA TYR A 189 -8.27 -2.26 3.31
C TYR A 189 -8.40 -2.99 1.95
N SER A 190 -7.25 -3.11 1.23
CA SER A 190 -7.28 -3.52 -0.14
C SER A 190 -7.71 -4.93 -0.43
N VAL A 191 -7.11 -5.92 0.16
CA VAL A 191 -7.45 -7.32 -0.16
C VAL A 191 -8.86 -7.59 0.16
N PRO A 192 -9.39 -7.15 1.32
CA PRO A 192 -10.80 -7.47 1.59
C PRO A 192 -11.70 -6.91 0.54
N THR A 193 -11.54 -5.66 0.15
CA THR A 193 -12.43 -4.99 -0.74
C THR A 193 -12.21 -5.35 -2.19
N ARG A 194 -10.98 -5.26 -2.66
N ARG A 194 -10.96 -5.25 -2.66
CA ARG A 194 -10.69 -5.59 -4.04
CA ARG A 194 -10.63 -5.54 -4.04
C ARG A 194 -10.58 -7.07 -4.33
C ARG A 194 -10.52 -7.04 -4.35
N GLY A 195 -10.07 -7.84 -3.37
CA GLY A 195 -9.88 -9.28 -3.56
C GLY A 195 -11.09 -10.11 -3.31
N TYR A 196 -11.98 -9.66 -2.41
CA TYR A 196 -13.16 -10.41 -1.96
C TYR A 196 -14.47 -9.65 -2.13
N GLY A 197 -14.36 -8.40 -2.61
CA GLY A 197 -15.56 -7.52 -2.75
C GLY A 197 -15.87 -7.28 -4.22
N SER A 198 -14.98 -6.53 -4.88
CA SER A 198 -15.14 -6.26 -6.33
C SER A 198 -14.50 -7.29 -7.28
N ALA A 199 -13.60 -8.07 -6.68
CA ALA A 199 -12.81 -9.03 -7.45
C ALA A 199 -11.95 -8.40 -8.47
N LEU A 200 -11.51 -7.14 -8.31
CA LEU A 200 -10.53 -6.52 -9.13
C LEU A 200 -9.13 -7.07 -8.88
N ASP A 201 -8.87 -7.67 -7.71
CA ASP A 201 -7.57 -8.12 -7.31
C ASP A 201 -7.68 -9.63 -6.96
N ALA A 202 -6.53 -10.29 -6.83
CA ALA A 202 -6.47 -11.61 -6.30
C ALA A 202 -7.00 -11.69 -4.88
N PRO A 203 -7.69 -12.75 -4.51
CA PRO A 203 -7.89 -14.00 -5.28
C PRO A 203 -9.05 -13.94 -6.28
N GLY A 204 -9.82 -12.84 -6.36
CA GLY A 204 -10.86 -12.74 -7.30
C GLY A 204 -12.16 -13.35 -6.92
N ARG A 205 -12.59 -13.20 -5.72
CA ARG A 205 -13.86 -13.71 -5.26
C ARG A 205 -14.86 -12.56 -5.11
N CYS A 206 -16.14 -12.94 -5.38
CA CYS A 206 -17.21 -11.91 -5.31
C CYS A 206 -18.54 -12.63 -5.45
N SER A 207 -19.60 -11.84 -5.25
CA SER A 207 -20.92 -12.41 -5.45
C SER A 207 -21.13 -12.57 -6.93
N PRO A 208 -21.91 -13.62 -7.33
CA PRO A 208 -22.12 -13.88 -8.70
C PRO A 208 -22.64 -12.77 -9.56
N THR A 209 -23.51 -11.87 -9.08
CA THR A 209 -23.97 -10.80 -9.93
C THR A 209 -23.15 -9.55 -9.85
N VAL A 210 -22.17 -9.50 -8.95
CA VAL A 210 -21.15 -8.48 -9.08
C VAL A 210 -20.22 -8.65 -10.24
N ASP A 211 -19.75 -9.88 -10.41
CA ASP A 211 -18.93 -10.29 -11.52
C ASP A 211 -19.07 -11.75 -11.74
N PRO A 212 -19.77 -12.14 -12.85
CA PRO A 212 -19.97 -13.54 -13.06
C PRO A 212 -18.77 -14.38 -13.35
N SER A 213 -17.64 -13.77 -13.60
CA SER A 213 -16.38 -14.50 -13.78
C SER A 213 -15.78 -14.98 -12.47
N CYS A 214 -16.13 -14.43 -11.34
CA CYS A 214 -15.58 -14.79 -10.07
C CYS A 214 -15.83 -16.35 -9.86
N TYR A 215 -14.89 -17.11 -9.37
CA TYR A 215 -15.10 -18.55 -9.10
C TYR A 215 -15.98 -18.90 -7.93
N ALA A 216 -16.11 -17.97 -6.97
CA ALA A 216 -16.82 -18.15 -5.75
C ALA A 216 -16.86 -16.82 -5.06
N GLY A 217 -17.65 -16.71 -4.01
CA GLY A 217 -17.58 -15.58 -3.11
C GLY A 217 -18.92 -14.98 -2.71
N ASN A 218 -18.81 -13.91 -1.90
CA ASN A 218 -19.98 -13.18 -1.34
C ASN A 218 -19.41 -11.82 -0.97
N SER A 219 -19.72 -10.82 -1.79
CA SER A 219 -19.10 -9.46 -1.63
C SER A 219 -19.61 -8.75 -0.39
N SER A 220 -20.75 -9.18 0.10
CA SER A 220 -21.36 -8.58 1.31
C SER A 220 -20.75 -9.04 2.59
N THR A 221 -20.28 -10.29 2.68
CA THR A 221 -19.80 -10.87 3.88
C THR A 221 -18.26 -11.11 3.90
N GLU A 222 -17.72 -11.56 2.78
CA GLU A 222 -16.35 -11.97 2.81
C GLU A 222 -15.35 -10.84 3.07
N PRO A 223 -15.61 -9.61 2.61
CA PRO A 223 -14.62 -8.57 3.01
C PRO A 223 -14.45 -8.43 4.48
N TYR A 224 -15.56 -8.58 5.24
CA TYR A 224 -15.45 -8.46 6.69
C TYR A 224 -14.76 -9.62 7.34
N ILE A 225 -14.94 -10.82 6.83
CA ILE A 225 -14.27 -12.01 7.31
C ILE A 225 -12.78 -11.88 7.10
N VAL A 226 -12.40 -11.52 5.89
CA VAL A 226 -10.99 -11.42 5.48
C VAL A 226 -10.33 -10.31 6.30
N ALA A 227 -10.97 -9.12 6.45
CA ALA A 227 -10.43 -8.02 7.20
C ALA A 227 -10.16 -8.45 8.63
N HIS A 228 -11.10 -9.19 9.21
CA HIS A 228 -10.93 -9.66 10.59
C HIS A 228 -9.78 -10.59 10.72
N HIS A 229 -9.63 -11.54 9.78
CA HIS A 229 -8.51 -12.45 9.84
C HIS A 229 -7.21 -11.74 9.57
N GLN A 230 -7.19 -10.71 8.75
CA GLN A 230 -5.98 -9.95 8.56
C GLN A 230 -5.55 -9.28 9.87
N LEU A 231 -6.51 -8.70 10.60
CA LEU A 231 -6.18 -8.10 11.91
C LEU A 231 -5.66 -9.10 12.91
N LEU A 232 -6.26 -10.26 12.99
CA LEU A 232 -5.83 -11.28 13.93
C LEU A 232 -4.44 -11.81 13.53
N ALA A 233 -4.22 -12.00 12.24
CA ALA A 233 -2.94 -12.54 11.74
C ALA A 233 -1.84 -11.52 11.98
N HIS A 234 -2.07 -10.27 11.63
CA HIS A 234 -1.21 -9.16 11.97
C HIS A 234 -0.84 -9.16 13.48
N ALA A 235 -1.88 -9.22 14.32
CA ALA A 235 -1.63 -9.07 15.78
C ALA A 235 -0.88 -10.20 16.34
N LYS A 236 -1.10 -11.39 15.81
CA LYS A 236 -0.40 -12.61 16.30
C LYS A 236 1.10 -12.42 15.95
N VAL A 237 1.38 -11.87 14.78
CA VAL A 237 2.78 -11.71 14.34
C VAL A 237 3.41 -10.59 15.14
N VAL A 238 2.71 -9.49 15.46
CA VAL A 238 3.26 -8.42 16.22
C VAL A 238 3.58 -8.97 17.65
N ASP A 239 2.67 -9.73 18.22
CA ASP A 239 2.96 -10.35 19.55
C ASP A 239 4.15 -11.29 19.51
N LEU A 240 4.33 -12.09 18.47
CA LEU A 240 5.47 -12.98 18.35
C LEU A 240 6.73 -12.13 18.28
N TYR A 241 6.69 -11.07 17.50
CA TYR A 241 7.86 -10.22 17.32
C TYR A 241 8.30 -9.58 18.64
N ARG A 242 7.32 -9.04 19.39
CA ARG A 242 7.58 -8.24 20.56
C ARG A 242 7.89 -9.19 21.75
N LYS A 243 7.45 -10.41 21.72
CA LYS A 243 7.71 -11.38 22.81
C LYS A 243 8.91 -12.24 22.60
N ASN A 244 9.20 -12.61 21.32
CA ASN A 244 10.28 -13.54 21.04
C ASN A 244 11.50 -12.94 20.31
N TYR A 245 11.36 -11.76 19.76
CA TYR A 245 12.41 -11.06 18.99
C TYR A 245 12.78 -9.71 19.48
N THR A 246 12.50 -9.41 20.80
CA THR A 246 12.86 -8.16 21.39
C THR A 246 14.34 -7.85 21.41
N HIS A 247 15.12 -8.93 21.38
CA HIS A 247 16.54 -8.82 21.37
C HIS A 247 17.10 -8.19 20.10
N GLN A 248 16.29 -8.19 19.05
CA GLN A 248 16.75 -7.56 17.80
C GLN A 248 16.63 -6.09 17.79
N GLY A 249 15.89 -5.44 18.73
CA GLY A 249 15.90 -4.01 18.77
C GLY A 249 15.28 -3.30 17.60
N GLY A 250 14.27 -3.99 17.05
CA GLY A 250 13.53 -3.39 15.95
C GLY A 250 12.07 -3.03 16.22
N LYS A 251 11.36 -2.61 15.20
CA LYS A 251 10.00 -2.16 15.31
C LYS A 251 9.15 -2.82 14.24
N ILE A 252 7.86 -2.95 14.48
CA ILE A 252 6.95 -3.57 13.54
C ILE A 252 5.66 -2.81 13.51
N GLY A 253 4.99 -2.79 12.35
CA GLY A 253 3.65 -2.25 12.26
C GLY A 253 2.92 -2.69 11.01
N PRO A 254 1.66 -2.32 10.88
CA PRO A 254 0.90 -2.55 9.67
C PRO A 254 1.08 -1.47 8.70
N THR A 255 0.64 -1.73 7.47
CA THR A 255 0.52 -0.68 6.43
C THR A 255 -0.96 -0.36 6.21
N MET A 256 -1.34 0.89 6.34
CA MET A 256 -2.62 1.33 5.97
C MET A 256 -2.59 2.01 4.62
N ILE A 257 -3.60 1.83 3.74
CA ILE A 257 -3.92 2.80 2.70
C ILE A 257 -4.70 3.92 3.37
N THR A 258 -4.24 5.12 3.16
CA THR A 258 -4.98 6.29 3.64
C THR A 258 -5.46 7.13 2.45
N ARG A 259 -6.59 7.77 2.64
CA ARG A 259 -7.14 8.83 1.80
C ARG A 259 -7.60 9.89 2.78
N TRP A 260 -7.76 11.10 2.27
CA TRP A 260 -8.54 12.04 3.00
C TRP A 260 -9.95 12.06 2.32
N PHE A 261 -10.96 12.58 3.00
CA PHE A 261 -12.31 12.75 2.52
C PHE A 261 -12.76 14.13 2.85
N LEU A 262 -13.37 14.76 1.90
CA LEU A 262 -13.99 16.08 2.05
C LEU A 262 -15.47 15.96 1.60
N PRO A 263 -16.37 16.81 2.15
CA PRO A 263 -17.76 16.75 1.70
C PRO A 263 -17.88 17.23 0.23
N TYR A 264 -18.63 16.45 -0.53
CA TYR A 264 -19.09 16.83 -1.85
C TYR A 264 -19.77 18.18 -1.86
N ASN A 265 -20.54 18.46 -0.80
CA ASN A 265 -21.20 19.79 -0.61
C ASN A 265 -20.91 20.17 0.86
N ASP A 266 -20.06 21.15 1.11
CA ASP A 266 -19.64 21.45 2.46
C ASP A 266 -20.62 22.22 3.31
N THR A 267 -21.77 22.54 2.75
CA THR A 267 -22.86 23.09 3.55
C THR A 267 -24.04 22.19 3.64
N ASP A 268 -23.95 20.91 3.21
CA ASP A 268 -25.01 19.96 3.21
C ASP A 268 -24.69 18.96 4.32
N ARG A 269 -25.59 18.89 5.33
CA ARG A 269 -25.32 17.97 6.45
C ARG A 269 -25.24 16.52 6.02
N HIS A 270 -25.97 16.10 4.96
CA HIS A 270 -25.93 14.72 4.53
C HIS A 270 -24.55 14.38 3.96
N SER A 271 -23.99 15.29 3.17
CA SER A 271 -22.63 15.10 2.60
C SER A 271 -21.60 15.11 3.70
N ILE A 272 -21.71 16.03 4.68
CA ILE A 272 -20.84 16.07 5.85
C ILE A 272 -20.91 14.78 6.60
N ALA A 273 -22.07 14.21 6.84
CA ALA A 273 -22.19 12.91 7.47
C ALA A 273 -21.56 11.78 6.68
N ALA A 274 -21.76 11.77 5.35
CA ALA A 274 -21.15 10.73 4.51
C ALA A 274 -19.68 10.84 4.57
N THR A 275 -19.11 11.99 4.71
CA THR A 275 -17.66 12.21 4.79
C THR A 275 -17.05 11.61 6.05
N GLU A 276 -17.82 11.81 7.16
CA GLU A 276 -17.36 11.25 8.43
C GLU A 276 -17.57 9.76 8.42
N ARG A 277 -18.60 9.23 7.78
CA ARG A 277 -18.78 7.77 7.68
C ARG A 277 -17.59 7.18 6.93
N MET A 278 -17.23 7.83 5.86
CA MET A 278 -16.11 7.33 5.08
C MET A 278 -14.85 7.23 5.86
N LYS A 279 -14.56 8.20 6.75
CA LYS A 279 -13.38 8.11 7.55
C LYS A 279 -13.47 6.85 8.42
N GLU A 280 -14.61 6.61 9.01
CA GLU A 280 -14.75 5.43 9.89
C GLU A 280 -14.68 4.14 9.12
N PHE A 281 -15.33 4.07 7.95
CA PHE A 281 -15.38 2.84 7.16
C PHE A 281 -14.10 2.52 6.44
N PHE A 282 -13.33 3.54 6.07
CA PHE A 282 -12.10 3.33 5.27
C PHE A 282 -10.94 3.21 6.23
N LEU A 283 -10.75 4.15 7.18
CA LEU A 283 -9.62 4.14 8.11
C LEU A 283 -10.00 3.37 9.42
N GLY A 284 -11.17 3.71 9.98
CA GLY A 284 -11.52 3.20 11.29
C GLY A 284 -11.74 1.69 11.30
N TRP A 285 -12.14 1.09 10.13
CA TRP A 285 -12.29 -0.34 10.06
C TRP A 285 -11.12 -1.06 10.69
N PHE A 286 -9.90 -0.54 10.40
CA PHE A 286 -8.70 -1.14 10.94
C PHE A 286 -8.15 -0.38 12.14
N MET A 287 -8.17 0.96 12.12
CA MET A 287 -7.59 1.76 13.15
C MET A 287 -8.37 1.67 14.48
N GLY A 288 -9.66 1.43 14.38
CA GLY A 288 -10.47 1.21 15.59
C GLY A 288 -9.96 -0.01 16.32
N PRO A 289 -9.87 -1.15 15.62
CA PRO A 289 -9.28 -2.37 16.23
C PRO A 289 -7.88 -2.15 16.77
N LEU A 290 -7.01 -1.52 15.92
CA LEU A 290 -5.61 -1.30 16.29
C LEU A 290 -5.39 -0.38 17.49
N THR A 291 -6.36 0.50 17.77
CA THR A 291 -6.20 1.48 18.87
C THR A 291 -7.16 1.19 20.00
N ASN A 292 -8.22 0.44 19.77
CA ASN A 292 -9.27 0.28 20.84
C ASN A 292 -9.65 -1.14 21.00
N GLY A 293 -9.31 -2.07 20.12
CA GLY A 293 -9.72 -3.41 20.12
C GLY A 293 -11.15 -3.67 19.69
N THR A 294 -11.79 -2.68 19.05
CA THR A 294 -13.17 -2.82 18.59
C THR A 294 -13.31 -2.08 17.27
N TYR A 295 -14.28 -2.55 16.46
CA TYR A 295 -14.65 -1.85 15.28
C TYR A 295 -15.39 -0.56 15.61
N PRO A 296 -15.34 0.45 14.71
CA PRO A 296 -16.15 1.65 14.95
C PRO A 296 -17.64 1.37 15.15
N GLN A 297 -18.22 2.22 16.01
CA GLN A 297 -19.67 1.98 16.29
C GLN A 297 -20.51 2.09 15.12
N ILE A 298 -20.25 3.00 14.20
CA ILE A 298 -21.06 3.14 12.99
C ILE A 298 -21.02 1.84 12.17
N MET A 299 -19.84 1.19 12.16
CA MET A 299 -19.76 -0.08 11.50
C MET A 299 -20.52 -1.21 12.20
N ILE A 300 -20.40 -1.25 13.53
CA ILE A 300 -21.17 -2.21 14.38
C ILE A 300 -22.66 -2.06 14.05
N ASP A 301 -23.11 -0.80 13.98
CA ASP A 301 -24.55 -0.50 13.82
C ASP A 301 -25.01 -0.87 12.40
N THR A 302 -24.22 -0.58 11.37
CA THR A 302 -24.64 -0.69 10.01
C THR A 302 -24.49 -2.13 9.52
N VAL A 303 -23.33 -2.72 9.81
CA VAL A 303 -22.96 -4.00 9.24
C VAL A 303 -23.63 -5.14 10.01
N GLY A 304 -23.89 -4.89 11.31
CA GLY A 304 -24.71 -5.87 12.12
C GLY A 304 -24.09 -7.26 12.14
N GLU A 305 -24.89 -8.27 11.78
CA GLU A 305 -24.46 -9.64 11.97
C GLU A 305 -23.38 -9.99 10.98
N ARG A 306 -23.14 -9.15 9.98
CA ARG A 306 -22.02 -9.42 8.98
C ARG A 306 -20.67 -9.03 9.57
N LEU A 307 -20.62 -8.32 10.67
CA LEU A 307 -19.34 -7.83 11.21
C LEU A 307 -18.91 -8.81 12.28
N PRO A 308 -17.78 -9.48 12.13
CA PRO A 308 -17.31 -10.38 13.20
C PRO A 308 -16.96 -9.71 14.52
N SER A 309 -17.13 -10.50 15.59
CA SER A 309 -16.76 -10.04 16.91
C SER A 309 -15.34 -10.46 17.30
N PHE A 310 -14.68 -9.65 18.13
CA PHE A 310 -13.44 -10.05 18.74
C PHE A 310 -13.81 -10.61 20.15
N SER A 311 -13.27 -11.73 20.51
CA SER A 311 -13.30 -12.15 21.91
C SER A 311 -12.47 -11.16 22.73
N PRO A 312 -12.65 -11.17 24.04
CA PRO A 312 -11.77 -10.40 24.89
C PRO A 312 -10.27 -10.64 24.67
N GLU A 313 -9.90 -11.91 24.48
CA GLU A 313 -8.50 -12.25 24.23
C GLU A 313 -8.04 -11.60 22.87
N GLU A 314 -8.87 -11.81 21.90
CA GLU A 314 -8.56 -11.22 20.52
C GLU A 314 -8.47 -9.70 20.57
N SER A 315 -9.37 -9.01 21.23
CA SER A 315 -9.39 -7.61 21.31
C SER A 315 -8.11 -7.13 21.94
N ASN A 316 -7.67 -7.81 23.03
CA ASN A 316 -6.44 -7.44 23.71
C ASN A 316 -5.18 -7.67 22.82
N LEU A 317 -5.24 -8.71 22.04
CA LEU A 317 -4.14 -9.00 21.11
C LEU A 317 -4.00 -7.89 20.03
N VAL A 318 -5.12 -7.48 19.51
CA VAL A 318 -5.11 -6.52 18.38
C VAL A 318 -4.93 -5.09 18.80
N LYS A 319 -5.49 -4.71 19.98
CA LYS A 319 -5.31 -3.41 20.50
C LYS A 319 -3.87 -3.07 20.81
N GLY A 320 -3.37 -2.03 20.21
CA GLY A 320 -2.03 -1.58 20.46
C GLY A 320 -0.92 -2.40 19.74
N SER A 321 -1.32 -3.15 18.70
CA SER A 321 -0.44 -4.09 18.01
C SER A 321 0.42 -3.39 16.96
N TYR A 322 1.15 -2.37 17.35
CA TYR A 322 2.05 -1.67 16.44
C TYR A 322 2.99 -0.84 17.20
N ASP A 323 4.21 -0.78 16.73
CA ASP A 323 5.21 0.16 17.18
C ASP A 323 5.17 1.46 16.39
N PHE A 324 4.68 1.39 15.11
CA PHE A 324 4.55 2.50 14.22
C PHE A 324 3.55 2.10 13.20
N LEU A 325 3.10 3.08 12.39
CA LEU A 325 2.19 2.82 11.29
C LEU A 325 2.89 3.15 10.02
N GLY A 326 2.78 2.28 9.05
CA GLY A 326 3.22 2.65 7.71
C GLY A 326 1.98 3.16 6.99
N LEU A 327 1.99 4.41 6.63
CA LEU A 327 0.88 5.07 5.93
C LEU A 327 1.19 5.29 4.47
N ASN A 328 0.44 4.65 3.62
CA ASN A 328 0.47 4.96 2.17
C ASN A 328 -0.52 6.02 1.90
N TYR A 329 -0.24 6.95 1.03
CA TYR A 329 -1.14 8.04 0.69
C TYR A 329 -0.97 8.40 -0.78
N TYR A 330 -2.08 8.38 -1.50
CA TYR A 330 -2.13 8.84 -2.91
C TYR A 330 -3.09 9.98 -3.21
N PHE A 331 -4.30 9.93 -2.67
CA PHE A 331 -5.30 10.92 -3.10
C PHE A 331 -6.46 11.01 -2.08
N THR A 332 -7.31 11.98 -2.36
CA THR A 332 -8.46 12.38 -1.52
C THR A 332 -9.71 12.42 -2.41
N GLN A 333 -10.84 12.09 -1.77
CA GLN A 333 -12.13 12.06 -2.50
C GLN A 333 -13.17 12.92 -1.78
N TYR A 334 -14.08 13.44 -2.59
CA TYR A 334 -15.29 14.02 -2.06
C TYR A 334 -16.29 12.92 -1.80
N ALA A 335 -17.10 13.08 -0.73
CA ALA A 335 -18.12 12.18 -0.37
C ALA A 335 -19.50 12.77 -0.29
N GLN A 336 -20.45 11.99 -0.84
CA GLN A 336 -21.87 12.34 -0.80
C GLN A 336 -22.63 11.14 -0.38
N PRO A 337 -23.89 11.33 0.07
CA PRO A 337 -24.64 10.13 0.43
C PRO A 337 -25.00 9.22 -0.74
N SER A 338 -25.12 7.96 -0.38
CA SER A 338 -25.56 6.89 -1.31
C SER A 338 -26.31 5.84 -0.54
N PRO A 339 -27.33 5.28 -1.12
CA PRO A 339 -28.09 4.22 -0.50
C PRO A 339 -27.25 2.98 -0.25
N ASN A 340 -27.69 2.20 0.77
CA ASN A 340 -27.02 0.92 1.01
C ASN A 340 -28.08 -0.24 0.94
N PRO A 341 -28.19 -0.82 -0.24
CA PRO A 341 -29.25 -1.83 -0.43
C PRO A 341 -28.75 -3.21 -0.07
N VAL A 342 -28.79 -3.49 1.18
CA VAL A 342 -28.22 -4.69 1.80
C VAL A 342 -28.86 -6.00 1.24
N ASN A 343 -30.10 -5.92 0.77
CA ASN A 343 -30.73 -7.08 0.12
C ASN A 343 -30.49 -7.28 -1.33
N SER A 344 -29.86 -6.37 -2.04
CA SER A 344 -29.60 -6.46 -3.49
C SER A 344 -28.59 -7.64 -3.65
N THR A 345 -28.83 -8.48 -4.63
CA THR A 345 -27.93 -9.62 -4.82
C THR A 345 -26.54 -9.02 -5.19
N ASN A 346 -26.44 -7.80 -5.73
CA ASN A 346 -25.15 -7.22 -5.98
C ASN A 346 -24.58 -6.29 -4.85
N HIS A 347 -25.12 -6.49 -3.67
CA HIS A 347 -24.64 -5.75 -2.48
C HIS A 347 -23.13 -6.06 -2.25
N THR A 348 -22.37 -5.01 -1.97
CA THR A 348 -20.98 -5.20 -1.55
C THR A 348 -20.74 -4.58 -0.23
N ALA A 349 -19.73 -4.99 0.48
CA ALA A 349 -19.33 -4.36 1.70
C ALA A 349 -19.07 -2.90 1.57
N MET A 350 -18.54 -2.46 0.46
CA MET A 350 -18.17 -1.07 0.16
C MET A 350 -19.42 -0.17 0.15
N MET A 351 -20.57 -0.75 -0.14
CA MET A 351 -21.79 0.04 -0.05
C MET A 351 -22.24 0.37 1.34
N ASP A 352 -21.76 -0.37 2.35
CA ASP A 352 -22.16 -0.14 3.73
C ASP A 352 -21.85 1.21 4.27
N ALA A 353 -20.82 1.88 3.79
CA ALA A 353 -20.48 3.24 4.19
C ALA A 353 -21.52 4.25 3.77
N GLY A 354 -22.42 3.91 2.87
CA GLY A 354 -23.47 4.87 2.48
C GLY A 354 -22.96 6.11 1.79
N ALA A 355 -21.88 5.98 1.01
CA ALA A 355 -21.22 7.13 0.42
C ALA A 355 -20.87 6.85 -1.02
N LYS A 356 -20.99 7.85 -1.81
CA LYS A 356 -20.52 7.88 -3.21
C LYS A 356 -19.35 8.84 -3.26
N LEU A 357 -18.26 8.42 -3.92
CA LEU A 357 -16.99 9.11 -3.91
C LEU A 357 -16.69 9.74 -5.32
N THR A 358 -16.28 10.96 -5.35
CA THR A 358 -15.96 11.66 -6.53
C THR A 358 -14.71 12.48 -6.39
N TYR A 359 -14.21 13.06 -7.48
CA TYR A 359 -13.10 14.00 -7.49
C TYR A 359 -13.55 15.40 -7.83
N ILE A 360 -14.86 15.58 -8.08
CA ILE A 360 -15.52 16.85 -8.44
C ILE A 360 -16.57 17.10 -7.34
N ASN A 361 -16.63 18.34 -6.85
CA ASN A 361 -17.63 18.68 -5.87
C ASN A 361 -18.90 19.21 -6.46
N ALA A 362 -19.86 19.58 -5.60
CA ALA A 362 -21.20 19.84 -6.13
C ALA A 362 -21.20 21.14 -6.94
N SER A 363 -20.24 21.99 -6.75
CA SER A 363 -20.12 23.23 -7.54
C SER A 363 -19.27 23.09 -8.80
N GLY A 364 -18.85 21.85 -9.06
CA GLY A 364 -18.06 21.52 -10.26
C GLY A 364 -16.58 21.73 -10.15
N HIS A 365 -16.02 21.91 -8.91
CA HIS A 365 -14.61 22.04 -8.68
C HIS A 365 -13.96 20.71 -8.66
N TYR A 366 -12.91 20.51 -9.49
CA TYR A 366 -12.09 19.32 -9.38
C TYR A 366 -11.08 19.56 -8.28
N ILE A 367 -10.80 18.51 -7.52
CA ILE A 367 -10.04 18.65 -6.28
C ILE A 367 -8.64 19.08 -6.44
N GLY A 368 -8.02 18.76 -7.58
CA GLY A 368 -6.67 19.07 -7.80
C GLY A 368 -6.22 18.65 -9.21
N PRO A 369 -4.92 18.58 -9.44
CA PRO A 369 -4.41 18.13 -10.72
C PRO A 369 -4.70 16.73 -11.04
N LEU A 370 -4.64 16.40 -12.34
CA LEU A 370 -4.82 15.04 -12.81
C LEU A 370 -3.77 14.08 -12.17
N PHE A 371 -4.31 12.96 -11.73
CA PHE A 371 -3.57 11.86 -11.16
C PHE A 371 -3.51 10.70 -12.11
N GLU A 372 -4.65 10.21 -12.60
CA GLU A 372 -4.64 9.00 -13.46
C GLU A 372 -5.77 9.17 -14.40
N LYS A 373 -5.47 9.22 -15.67
CA LYS A 373 -6.52 9.23 -16.66
C LYS A 373 -7.17 7.85 -16.77
N ASP A 374 -8.49 7.85 -16.97
CA ASP A 374 -9.22 6.64 -17.21
C ASP A 374 -9.62 6.73 -18.69
N LYS A 375 -8.92 5.99 -19.56
CA LYS A 375 -9.16 6.11 -21.03
C LYS A 375 -10.57 5.68 -21.44
N ALA A 376 -11.04 4.62 -20.79
CA ALA A 376 -12.43 4.12 -20.94
C ALA A 376 -13.58 5.11 -20.53
N ASP A 377 -13.39 5.91 -19.46
CA ASP A 377 -14.40 6.90 -19.13
C ASP A 377 -13.72 8.13 -18.44
N SER A 378 -13.48 9.21 -19.20
CA SER A 378 -12.75 10.40 -18.71
C SER A 378 -13.45 11.02 -17.52
N THR A 379 -14.74 10.83 -17.40
CA THR A 379 -15.46 11.39 -16.25
C THR A 379 -15.01 10.72 -14.97
N ASP A 380 -14.30 9.61 -15.09
CA ASP A 380 -13.76 8.88 -13.92
C ASP A 380 -12.23 8.96 -13.71
N ASN A 381 -11.65 9.96 -14.32
CA ASN A 381 -10.29 10.28 -14.06
C ASN A 381 -10.09 10.49 -12.53
N ILE A 382 -8.90 10.16 -12.05
CA ILE A 382 -8.54 10.39 -10.65
C ILE A 382 -7.74 11.68 -10.68
N TYR A 383 -7.91 12.52 -9.64
CA TYR A 383 -7.26 13.82 -9.43
C TYR A 383 -6.64 13.77 -8.04
N TYR A 384 -5.53 14.46 -7.84
CA TYR A 384 -4.87 14.42 -6.54
C TYR A 384 -5.06 15.75 -5.80
N TYR A 385 -4.52 15.79 -4.55
CA TYR A 385 -4.86 16.81 -3.56
C TYR A 385 -3.72 16.83 -2.56
N PRO A 386 -2.73 17.71 -2.83
CA PRO A 386 -1.53 17.64 -1.95
C PRO A 386 -1.79 17.90 -0.47
N LYS A 387 -2.76 18.76 -0.18
CA LYS A 387 -3.10 19.06 1.23
C LYS A 387 -3.62 17.78 1.92
N GLY A 388 -4.07 16.79 1.17
CA GLY A 388 -4.58 15.57 1.78
C GLY A 388 -3.56 14.90 2.65
N ILE A 389 -2.27 14.94 2.32
CA ILE A 389 -1.25 14.26 3.15
C ILE A 389 -1.21 15.00 4.54
N TYR A 390 -1.29 16.32 4.54
CA TYR A 390 -1.37 17.13 5.76
C TYR A 390 -2.59 16.70 6.57
N SER A 391 -3.77 16.69 5.93
CA SER A 391 -5.01 16.37 6.61
C SER A 391 -4.96 14.96 7.23
N VAL A 392 -4.43 13.96 6.49
CA VAL A 392 -4.36 12.58 6.97
C VAL A 392 -3.45 12.50 8.21
N MET A 393 -2.27 13.08 8.14
CA MET A 393 -1.32 12.94 9.22
C MET A 393 -1.87 13.62 10.45
N ASP A 394 -2.44 14.79 10.28
CA ASP A 394 -3.05 15.51 11.45
C ASP A 394 -4.13 14.67 12.06
N TYR A 395 -5.01 14.08 11.24
CA TYR A 395 -6.03 13.21 11.71
C TYR A 395 -5.46 12.04 12.46
N PHE A 396 -4.49 11.36 11.97
CA PHE A 396 -3.92 10.23 12.70
C PHE A 396 -3.36 10.65 14.06
N LYS A 397 -2.67 11.81 14.08
CA LYS A 397 -2.17 12.30 15.39
C LYS A 397 -3.30 12.50 16.38
N ASN A 398 -4.32 13.22 15.90
CA ASN A 398 -5.43 13.61 16.80
C ASN A 398 -6.36 12.52 17.18
N LYS A 399 -6.77 11.64 16.23
CA LYS A 399 -7.72 10.61 16.46
C LYS A 399 -7.11 9.32 16.99
N TYR A 400 -5.86 9.02 16.59
CA TYR A 400 -5.28 7.73 16.84
C TYR A 400 -4.03 7.80 17.67
N TYR A 401 -4.04 8.68 18.67
CA TYR A 401 -3.10 8.61 19.76
C TYR A 401 -1.64 8.88 19.38
N ASN A 402 -1.41 9.87 18.51
CA ASN A 402 -0.11 10.39 18.22
C ASN A 402 0.92 9.29 17.90
N PRO A 403 0.66 8.47 16.83
CA PRO A 403 1.52 7.36 16.47
C PRO A 403 2.80 7.83 15.83
N LEU A 404 3.80 6.98 15.89
CA LEU A 404 4.99 7.07 15.02
C LEU A 404 4.57 6.59 13.62
N ILE A 405 4.89 7.40 12.61
CA ILE A 405 4.49 7.18 11.23
C ILE A 405 5.68 7.22 10.33
N TYR A 406 5.67 6.29 9.39
CA TYR A 406 6.54 6.38 8.19
C TYR A 406 5.60 6.34 6.98
N VAL A 407 5.81 7.29 6.06
CA VAL A 407 5.07 7.31 4.81
C VAL A 407 5.68 6.25 3.94
N THR A 408 4.98 5.12 3.75
CA THR A 408 5.53 3.94 3.13
C THR A 408 5.23 3.82 1.63
N GLU A 409 4.37 4.68 1.08
CA GLU A 409 4.19 4.81 -0.33
C GLU A 409 3.57 6.18 -0.57
N ASN A 410 3.97 6.82 -1.67
CA ASN A 410 3.40 8.02 -2.21
C ASN A 410 3.96 8.15 -3.61
N GLY A 411 3.13 8.30 -4.63
CA GLY A 411 3.67 8.44 -6.00
C GLY A 411 2.55 8.61 -6.99
N ILE A 412 2.92 8.62 -8.29
CA ILE A 412 1.98 8.93 -9.39
C ILE A 412 2.47 8.18 -10.64
N SER A 413 1.47 7.82 -11.45
CA SER A 413 1.84 7.11 -12.69
C SER A 413 1.85 8.08 -13.86
N THR A 414 2.54 7.59 -14.89
CA THR A 414 2.51 8.23 -16.25
C THR A 414 2.08 7.07 -17.18
N PRO A 415 1.45 7.39 -18.29
CA PRO A 415 0.94 6.32 -19.15
C PRO A 415 2.00 5.47 -19.83
N GLY A 416 1.72 4.18 -19.91
CA GLY A 416 2.61 3.29 -20.61
C GLY A 416 2.62 3.56 -22.16
N ASP A 417 1.60 4.26 -22.72
CA ASP A 417 1.54 4.63 -24.19
C ASP A 417 2.63 5.64 -24.51
N GLU A 418 3.17 6.34 -23.50
CA GLU A 418 4.23 7.29 -23.77
C GLU A 418 5.47 6.52 -24.29
N ASN A 419 6.27 7.13 -25.12
CA ASN A 419 7.60 6.62 -25.54
C ASN A 419 8.66 6.93 -24.51
N ARG A 420 9.87 6.43 -24.71
CA ARG A 420 10.87 6.56 -23.71
C ARG A 420 11.21 8.01 -23.32
N ASN A 421 11.33 8.89 -24.33
CA ASN A 421 11.66 10.25 -24.06
C ASN A 421 10.60 10.89 -23.22
N GLN A 422 9.36 10.68 -23.57
CA GLN A 422 8.22 11.28 -22.89
C GLN A 422 8.28 10.74 -21.46
N SER A 423 8.45 9.44 -21.33
CA SER A 423 8.44 8.79 -19.98
C SER A 423 9.54 9.32 -19.12
N MET A 424 10.73 9.60 -19.65
CA MET A 424 11.84 10.14 -18.87
C MET A 424 11.62 11.61 -18.42
N LEU A 425 10.90 12.37 -19.25
CA LEU A 425 10.54 13.75 -18.95
C LEU A 425 9.30 13.89 -18.08
N ASP A 426 9.44 13.26 -16.92
CA ASP A 426 8.24 13.04 -16.01
C ASP A 426 8.06 14.18 -15.06
N TYR A 427 7.91 15.42 -15.60
CA TYR A 427 7.76 16.55 -14.73
C TYR A 427 6.50 16.52 -13.87
N THR A 428 5.48 15.85 -14.38
CA THR A 428 4.24 15.61 -13.58
C THR A 428 4.56 14.85 -12.26
N ARG A 429 5.55 14.00 -12.25
CA ARG A 429 5.94 13.22 -11.10
C ARG A 429 6.71 14.05 -10.13
N ILE A 430 7.61 14.95 -10.59
CA ILE A 430 8.22 15.96 -9.74
C ILE A 430 7.18 16.80 -9.03
N ASP A 431 6.20 17.29 -9.80
CA ASP A 431 5.17 18.16 -9.24
C ASP A 431 4.41 17.41 -8.13
N TYR A 432 4.03 16.18 -8.40
CA TYR A 432 3.29 15.39 -7.40
C TYR A 432 4.13 15.18 -6.17
N LEU A 433 5.32 14.67 -6.34
CA LEU A 433 6.16 14.33 -5.18
C LEU A 433 6.51 15.57 -4.38
N CYS A 434 6.94 16.66 -5.03
CA CYS A 434 7.30 17.88 -4.26
C CYS A 434 6.17 18.54 -3.56
N SER A 435 4.98 18.48 -4.18
CA SER A 435 3.85 19.14 -3.61
C SER A 435 3.38 18.46 -2.30
N HIS A 436 3.47 17.12 -2.32
CA HIS A 436 3.20 16.32 -1.16
C HIS A 436 4.28 16.43 -0.09
N LEU A 437 5.57 16.46 -0.48
CA LEU A 437 6.64 16.64 0.51
C LEU A 437 6.53 18.04 1.11
N CYS A 438 6.12 19.07 0.40
CA CYS A 438 5.93 20.40 1.01
C CYS A 438 4.88 20.33 2.11
N PHE A 439 3.72 19.66 1.84
CA PHE A 439 2.71 19.51 2.83
C PHE A 439 3.12 18.64 3.98
N LEU A 440 3.92 17.65 3.70
CA LEU A 440 4.39 16.79 4.75
C LEU A 440 5.29 17.53 5.75
N ASN A 441 6.25 18.29 5.25
CA ASN A 441 7.10 19.18 6.05
C ASN A 441 6.18 20.10 6.88
N LYS A 442 5.21 20.69 6.23
CA LYS A 442 4.28 21.65 6.89
C LYS A 442 3.56 21.02 8.04
N VAL A 443 3.05 19.76 7.85
CA VAL A 443 2.29 19.19 8.93
C VAL A 443 3.21 18.75 10.09
N ILE A 444 4.39 18.30 9.81
CA ILE A 444 5.34 17.95 10.87
C ILE A 444 5.64 19.21 11.66
N LYS A 445 5.88 20.31 10.99
CA LYS A 445 6.21 21.57 11.78
C LYS A 445 5.06 22.20 12.49
N GLU A 446 3.88 22.18 11.91
CA GLU A 446 2.74 22.91 12.38
C GLU A 446 1.98 22.11 13.41
N LYS A 447 1.86 20.80 13.21
CA LYS A 447 1.07 19.92 14.02
C LYS A 447 1.86 18.98 14.84
N ASP A 448 3.13 18.92 14.64
CA ASP A 448 4.04 18.05 15.39
C ASP A 448 3.71 16.53 15.28
N VAL A 449 3.25 16.15 14.06
CA VAL A 449 3.00 14.79 13.79
C VAL A 449 4.31 14.06 13.77
N ASN A 450 4.36 12.87 14.38
CA ASN A 450 5.61 12.11 14.53
C ASN A 450 5.90 11.25 13.30
N VAL A 451 6.16 11.92 12.19
CA VAL A 451 6.58 11.24 10.91
C VAL A 451 8.05 11.26 10.84
N LYS A 452 8.66 10.08 10.60
CA LYS A 452 10.11 9.95 10.60
C LYS A 452 10.74 9.47 9.30
N GLY A 453 9.92 9.23 8.26
CA GLY A 453 10.49 8.96 6.94
C GLY A 453 9.41 8.95 5.89
N TYR A 454 9.91 8.86 4.67
CA TYR A 454 9.13 9.00 3.45
C TYR A 454 9.80 8.12 2.38
N LEU A 455 8.95 7.24 1.81
CA LEU A 455 9.34 6.27 0.76
C LEU A 455 8.31 6.43 -0.44
N ALA A 456 8.96 7.00 -1.48
CA ALA A 456 8.17 7.22 -2.69
C ALA A 456 7.95 5.91 -3.40
N TRP A 457 6.76 5.75 -4.00
CA TRP A 457 6.41 4.62 -4.88
C TRP A 457 6.70 5.14 -6.30
N ALA A 458 7.57 4.53 -7.12
CA ALA A 458 8.34 3.34 -6.88
C ALA A 458 9.74 3.58 -7.32
N LEU A 459 10.65 2.72 -6.88
CA LEU A 459 12.05 2.70 -7.30
C LEU A 459 12.17 2.79 -8.81
N GLY A 460 11.47 1.90 -9.45
CA GLY A 460 11.50 1.66 -10.86
C GLY A 460 10.16 1.29 -11.40
N ASP A 461 9.98 1.40 -12.72
CA ASP A 461 8.81 0.88 -13.36
C ASP A 461 8.72 -0.62 -13.11
N ASN A 462 7.48 -1.03 -12.90
CA ASN A 462 7.22 -2.43 -12.52
C ASN A 462 5.83 -2.85 -12.97
N TYR A 463 5.45 -4.10 -12.67
CA TYR A 463 4.08 -4.57 -12.94
C TYR A 463 3.20 -3.88 -11.92
N GLU A 464 2.19 -3.15 -12.32
CA GLU A 464 1.25 -2.57 -11.41
C GLU A 464 -0.03 -3.44 -11.34
N PHE A 465 -0.44 -3.80 -10.15
CA PHE A 465 -1.64 -4.64 -9.91
C PHE A 465 -2.83 -4.11 -10.67
N ASN A 466 -3.39 -5.00 -11.45
CA ASN A 466 -4.61 -4.53 -12.24
CA ASN A 466 -4.53 -4.85 -12.34
C ASN A 466 -4.35 -3.86 -13.51
N LYS A 467 -3.16 -3.29 -13.70
CA LYS A 467 -2.82 -2.39 -14.77
C LYS A 467 -1.78 -2.89 -15.70
N GLY A 468 -1.13 -4.04 -15.35
CA GLY A 468 -0.07 -4.56 -16.20
C GLY A 468 1.08 -3.63 -16.29
N PHE A 469 1.56 -3.36 -17.49
CA PHE A 469 2.62 -2.43 -17.78
C PHE A 469 2.03 -1.12 -18.47
N THR A 470 0.74 -0.96 -18.32
CA THR A 470 0.05 0.22 -18.94
C THR A 470 0.28 1.54 -18.23
N VAL A 471 0.82 1.49 -17.02
CA VAL A 471 1.20 2.68 -16.26
C VAL A 471 2.60 2.47 -15.76
N ARG A 472 3.33 3.56 -15.62
CA ARG A 472 4.68 3.58 -15.06
C ARG A 472 4.66 4.39 -13.81
N PHE A 473 5.16 3.89 -12.66
CA PHE A 473 5.28 4.67 -11.45
C PHE A 473 6.70 4.96 -11.05
N GLY A 474 7.72 4.46 -11.76
CA GLY A 474 9.10 4.53 -11.29
C GLY A 474 9.70 5.93 -11.29
N LEU A 475 10.61 6.16 -10.35
CA LEU A 475 11.53 7.28 -10.41
C LEU A 475 12.65 6.95 -11.43
N SER A 476 12.83 5.67 -11.73
CA SER A 476 13.81 5.15 -12.75
C SER A 476 12.99 4.38 -13.76
N TYR A 477 13.44 4.48 -15.04
CA TYR A 477 12.85 3.91 -16.15
C TYR A 477 13.43 2.55 -16.51
N ILE A 478 12.50 1.63 -16.84
CA ILE A 478 12.83 0.27 -17.27
C ILE A 478 12.30 0.07 -18.69
N ASP A 479 13.18 -0.38 -19.61
CA ASP A 479 12.79 -0.74 -20.98
C ASP A 479 12.29 -2.18 -21.03
N TRP A 480 11.03 -2.40 -21.36
CA TRP A 480 10.45 -3.75 -21.28
C TRP A 480 11.05 -4.72 -22.27
N ASN A 481 11.76 -4.18 -23.23
CA ASN A 481 12.48 -5.07 -24.19
C ASN A 481 13.84 -5.50 -23.69
N ASN A 482 14.32 -4.80 -22.65
CA ASN A 482 15.60 -5.12 -22.08
C ASN A 482 15.73 -4.51 -20.70
N VAL A 483 15.28 -5.33 -19.73
CA VAL A 483 15.02 -4.77 -18.37
C VAL A 483 16.23 -4.53 -17.52
N THR A 484 17.43 -4.83 -17.99
CA THR A 484 18.59 -4.71 -17.13
C THR A 484 18.75 -3.33 -16.48
N ASP A 485 18.83 -2.28 -17.29
CA ASP A 485 19.10 -0.98 -16.73
C ASP A 485 17.86 -0.41 -16.01
N ARG A 486 18.14 0.44 -14.98
CA ARG A 486 17.14 1.32 -14.35
C ARG A 486 17.75 2.73 -14.49
N ASP A 487 17.19 3.55 -15.37
CA ASP A 487 17.81 4.88 -15.65
C ASP A 487 17.00 5.97 -14.96
N LEU A 488 17.65 6.79 -14.13
CA LEU A 488 16.89 7.82 -13.36
C LEU A 488 16.19 8.72 -14.39
N LYS A 489 14.90 8.92 -14.16
CA LYS A 489 14.07 9.85 -14.87
C LYS A 489 14.39 11.31 -14.39
N LYS A 490 13.74 12.32 -14.93
CA LYS A 490 13.79 13.65 -14.36
C LYS A 490 13.40 13.70 -12.86
N SER A 491 12.38 12.89 -12.56
CA SER A 491 11.96 12.78 -11.15
C SER A 491 13.08 12.19 -10.30
N GLY A 492 13.71 11.11 -10.74
CA GLY A 492 14.83 10.55 -9.99
C GLY A 492 15.98 11.50 -9.79
N GLN A 493 16.29 12.25 -10.86
CA GLN A 493 17.30 13.26 -10.77
C GLN A 493 16.97 14.37 -9.80
N TRP A 494 15.73 14.80 -9.83
CA TRP A 494 15.23 15.75 -8.90
C TRP A 494 15.34 15.27 -7.41
N TYR A 495 14.87 14.04 -7.23
CA TYR A 495 14.87 13.49 -5.88
C TYR A 495 16.30 13.35 -5.34
N GLN A 496 17.23 13.01 -6.23
CA GLN A 496 18.68 12.97 -5.89
C GLN A 496 19.07 14.33 -5.36
N SER A 497 18.67 15.42 -6.02
CA SER A 497 19.07 16.71 -5.54
C SER A 497 18.34 17.17 -4.33
N PHE A 498 17.05 16.78 -4.18
CA PHE A 498 16.30 17.05 -2.96
C PHE A 498 16.99 16.39 -1.75
N ILE A 499 17.41 15.16 -1.98
CA ILE A 499 18.06 14.39 -0.89
C ILE A 499 19.45 15.02 -0.52
N SER A 500 20.23 15.39 -1.54
CA SER A 500 21.62 15.90 -1.27
C SER A 500 21.74 17.30 -1.99
N PRO A 501 21.15 18.33 -1.41
CA PRO A 501 20.98 19.61 -2.17
C PRO A 501 22.34 20.37 -2.26
C1 NAG B . 25.01 11.84 1.00
C2 NAG B . 25.89 12.87 0.35
C3 NAG B . 26.83 13.38 1.47
C4 NAG B . 25.95 13.91 2.56
C5 NAG B . 25.01 12.84 3.11
C6 NAG B . 24.18 13.39 4.23
C7 NAG B . 26.44 12.39 -1.98
C8 NAG B . 27.36 11.65 -2.94
N2 NAG B . 26.62 12.21 -0.68
O3 NAG B . 27.61 14.41 0.88
O4 NAG B . 26.81 14.28 3.67
O5 NAG B . 24.20 12.37 1.98
O6 NAG B . 23.26 14.43 4.00
O7 NAG B . 25.57 13.18 -2.36
C1 NAG B . 26.36 15.83 4.24
C2 NAG B . 27.32 15.96 5.44
C3 NAG B . 27.19 17.42 5.94
C4 NAG B . 27.29 18.47 4.84
C5 NAG B . 26.48 18.07 3.57
C6 NAG B . 26.71 19.01 2.40
C7 NAG B . 27.46 13.95 6.95
C8 NAG B . 26.80 13.29 8.15
N2 NAG B . 26.87 15.08 6.51
O3 NAG B . 28.19 17.71 6.92
O4 NAG B . 26.77 19.68 5.43
O5 NAG B . 26.75 16.71 3.17
O6 NAG B . 27.99 18.77 1.91
O7 NAG B . 28.46 13.47 6.43
C1 NAG C . -24.03 -13.38 1.36
C2 NAG C . -25.18 -13.89 0.50
C3 NAG C . -26.46 -13.38 1.28
C4 NAG C . -26.53 -13.91 2.64
C5 NAG C . -25.19 -13.64 3.33
C6 NAG C . -25.15 -14.27 4.71
C7 NAG C . -24.97 -13.91 -1.89
C8 NAG C . -24.96 -13.02 -3.12
N2 NAG C . -25.14 -13.26 -0.73
O3 NAG C . -27.59 -13.74 0.47
O4 NAG C . -27.50 -13.04 3.35
O5 NAG C . -24.09 -14.14 2.51
O6 NAG C . -25.07 -15.68 4.57
O7 NAG C . -24.68 -15.11 -1.83
C1 NAG C . -28.53 -14.02 4.09
C2 NAG C . -29.10 -13.21 5.26
C3 NAG C . -30.37 -14.00 5.63
C4 NAG C . -31.17 -14.56 4.44
C5 NAG C . -30.33 -15.12 3.28
C6 NAG C . -31.17 -15.47 2.06
C7 NAG C . -27.58 -11.79 6.64
C8 NAG C . -26.64 -11.59 7.81
N2 NAG C . -28.19 -13.01 6.40
O3 NAG C . -31.25 -13.10 6.27
O4 NAG C . -31.98 -15.55 5.05
O5 NAG C . -29.38 -14.09 2.93
O6 NAG C . -31.63 -14.23 1.53
O7 NAG C . -27.74 -10.79 5.93
C1 NAG D . -25.30 22.42 -1.22
C2 NAG D . -25.99 22.79 -2.57
C3 NAG D . -27.07 23.80 -2.24
C4 NAG D . -28.04 23.20 -1.22
C5 NAG D . -27.24 22.89 0.05
C6 NAG D . -28.10 22.31 1.19
C7 NAG D . -24.69 22.87 -4.62
C8 NAG D . -23.66 23.68 -5.31
N2 NAG D . -24.96 23.39 -3.42
O3 NAG D . -27.78 24.04 -3.48
O4 NAG D . -28.91 24.36 -0.78
O5 NAG D . -26.32 21.87 -0.34
O6 NAG D . -28.77 21.16 0.73
O7 NAG D . -25.27 21.88 -5.11
C1 NAG D . -30.22 23.93 -0.88
C2 NAG D . -31.11 25.02 -0.21
C3 NAG D . -32.56 24.63 -0.30
C4 NAG D . -32.91 24.30 -1.71
C5 NAG D . -32.01 23.13 -2.22
C6 NAG D . -32.33 22.84 -3.69
C7 NAG D . -30.06 26.25 1.59
C8 NAG D . -29.74 26.36 3.05
N2 NAG D . -30.74 25.21 1.20
O3 NAG D . -33.25 25.83 0.05
O4 NAG D . -34.22 23.79 -1.62
O5 NAG D . -30.69 23.63 -2.16
O6 NAG D . -31.49 21.73 -4.01
O7 NAG D . -29.65 27.17 0.88
C1 BMA D . -35.17 24.36 -2.84
C2 BMA D . -36.26 23.32 -2.96
C3 BMA D . -37.25 23.75 -4.05
C4 BMA D . -37.72 25.12 -3.61
C5 BMA D . -36.54 26.09 -3.41
C6 BMA D . -36.85 27.54 -3.12
O2 BMA D . -36.88 23.29 -1.62
O3 BMA D . -38.25 22.72 -4.39
O4 BMA D . -38.51 25.65 -4.65
O5 BMA D . -35.65 25.61 -2.33
O6 BMA D . -37.65 27.57 -1.92
C1 XYP D . -36.76 21.73 -0.98
C2 XYP D . -37.04 21.87 0.55
C3 XYP D . -36.94 20.52 1.22
C4 XYP D . -37.79 19.51 0.40
C5 XYP D . -37.39 19.47 -1.10
O2 XYP D . -36.18 22.84 1.16
O3 XYP D . -37.46 20.84 2.54
O4 XYP D . -37.71 18.15 0.86
O5 XYP D . -37.59 20.77 -1.64
C1 FUC D . -27.33 25.33 -4.09
C2 FUC D . -27.91 25.31 -5.46
C3 FUC D . -29.43 25.39 -5.39
C4 FUC D . -29.84 26.63 -4.62
C5 FUC D . -29.10 26.67 -3.30
C6 FUC D . -29.25 28.02 -2.61
O2 FUC D . -27.67 24.04 -6.08
O3 FUC D . -29.89 25.50 -6.74
O4 FUC D . -29.38 27.77 -5.34
O5 FUC D . -27.67 26.54 -3.43
C1 NAG E . -13.58 1.04 22.85
C2 NAG E . -14.78 1.80 22.22
C3 NAG E . -16.04 1.83 23.14
C4 NAG E . -16.23 0.48 23.69
C5 NAG E . -14.93 -0.11 24.26
C6 NAG E . -15.04 -1.56 24.67
C7 NAG E . -14.53 3.44 20.39
C8 NAG E . -14.05 4.85 20.10
N2 NAG E . -14.39 3.08 21.69
O3 NAG E . -17.24 2.34 22.60
O4 NAG E . -17.21 0.48 24.76
O5 NAG E . -13.90 -0.23 23.18
O6 NAG E . -13.84 -1.96 25.37
O7 NAG E . -14.90 2.59 19.50
C1 NAG E . -18.21 -0.68 24.66
C2 NAG E . -18.94 -0.68 26.07
C3 NAG E . -20.10 -1.59 26.11
C4 NAG E . -20.98 -1.23 24.90
C5 NAG E . -20.18 -1.06 23.53
C6 NAG E . -21.08 -0.68 22.38
C7 NAG E . -17.34 -0.25 27.95
C8 NAG E . -16.40 -1.03 28.81
N2 NAG E . -17.94 -1.11 27.07
O3 NAG E . -20.65 -1.10 27.37
O4 NAG E . -21.86 -2.24 24.67
O5 NAG E . -19.16 -0.14 23.72
O6 NAG E . -20.26 -0.85 21.17
O7 NAG E . -17.59 1.02 28.06
C1 BMA E . -23.30 -1.94 24.99
C2 BMA E . -24.28 -2.91 24.35
C3 BMA E . -25.61 -2.74 25.06
C4 BMA E . -25.58 -2.91 26.52
C5 BMA E . -24.48 -1.94 27.01
C6 BMA E . -24.29 -1.91 28.47
O2 BMA E . -23.74 -4.17 24.68
O3 BMA E . -26.51 -3.79 24.74
O4 BMA E . -26.94 -2.55 27.06
O5 BMA E . -23.17 -2.20 26.42
O6 BMA E . -24.22 -3.30 28.87
C1 XYP E . -23.29 -5.09 23.54
C2 XYP E . -22.52 -6.31 23.96
C3 XYP E . -22.07 -6.91 22.64
C4 XYP E . -23.28 -7.09 21.72
C5 XYP E . -24.08 -5.79 21.50
O2 XYP E . -21.36 -5.90 24.70
O3 XYP E . -21.50 -8.16 22.94
O4 XYP E . -22.78 -7.62 20.50
O5 XYP E . -24.48 -5.37 22.81
C1 MAN E . -27.89 -3.29 24.20
C2 MAN E . -28.93 -4.41 24.23
C3 MAN E . -28.63 -5.35 23.06
C4 MAN E . -28.35 -4.60 21.72
C5 MAN E . -27.26 -3.52 21.91
C6 MAN E . -26.97 -2.68 20.68
O2 MAN E . -30.25 -3.86 24.17
O3 MAN E . -29.70 -6.32 23.12
O4 MAN E . -27.92 -5.47 20.66
O5 MAN E . -27.77 -2.62 22.94
O6 MAN E . -28.23 -2.02 20.36
C1 MAN E . -23.96 -3.50 30.50
C2 MAN E . -24.17 -5.00 30.69
C3 MAN E . -25.66 -5.32 30.54
C4 MAN E . -26.61 -4.38 31.34
C5 MAN E . -26.22 -2.88 31.13
C6 MAN E . -27.03 -1.84 31.93
O2 MAN E . -23.65 -5.24 31.97
O3 MAN E . -25.83 -6.69 30.94
O4 MAN E . -28.00 -4.60 30.93
O5 MAN E . -24.79 -2.75 31.40
O6 MAN E . -26.76 -1.97 33.33
C1 FUC E . -17.48 3.76 22.92
C2 FUC E . -18.53 4.13 21.93
C3 FUC E . -19.77 3.33 22.11
C4 FUC E . -20.28 3.49 23.56
C5 FUC E . -19.22 3.08 24.52
C6 FUC E . -19.77 3.28 25.92
O2 FUC E . -18.02 4.18 20.64
O3 FUC E . -20.62 3.93 21.21
O4 FUC E . -20.68 4.84 23.78
O5 FUC E . -18.03 3.78 24.24
C1 NAG F . -13.09 -10.81 -19.17
C2 NAG F . -14.13 -10.58 -20.26
C3 NAG F . -15.43 -11.26 -19.80
C4 NAG F . -15.20 -12.65 -19.13
C5 NAG F . -13.89 -12.86 -18.41
C6 NAG F . -13.50 -14.36 -18.23
C7 NAG F . -14.22 -8.42 -21.44
C8 NAG F . -14.48 -6.95 -21.30
N2 NAG F . -14.33 -9.14 -20.32
O3 NAG F . -16.33 -11.34 -20.92
O4 NAG F . -16.13 -12.80 -18.09
O5 NAG F . -12.85 -12.20 -19.14
O6 NAG F . -12.51 -14.37 -17.17
O7 NAG F . -13.92 -8.92 -22.54
C1 NAG F . -17.61 -13.46 -18.86
C2 NAG F . -18.23 -14.65 -18.18
C3 NAG F . -19.72 -14.63 -18.58
C4 NAG F . -20.36 -13.25 -18.36
C5 NAG F . -19.47 -12.16 -18.99
C6 NAG F . -20.00 -10.75 -18.82
C7 NAG F . -16.72 -16.55 -17.83
C8 NAG F . -16.11 -17.79 -18.39
N2 NAG F . -17.54 -15.86 -18.63
O3 NAG F . -20.36 -15.63 -17.81
O4 NAG F . -21.71 -13.12 -18.82
O5 NAG F . -18.20 -12.26 -18.37
O6 NAG F . -20.45 -10.54 -17.49
O7 NAG F . -16.50 -16.19 -16.67
C1 NAG G . -16.28 23.13 -4.05
C2 NAG G . -17.15 23.75 -2.92
C3 NAG G . -16.80 25.23 -2.90
C4 NAG G . -15.34 25.55 -2.78
C5 NAG G . -14.64 24.74 -3.93
C6 NAG G . -13.15 24.86 -3.79
C7 NAG G . -19.40 22.91 -2.26
C8 NAG G . -20.84 22.87 -2.60
N2 NAG G . -18.53 23.57 -3.10
O3 NAG G . -17.49 25.92 -1.79
O4 NAG G . -15.13 26.95 -3.17
O5 NAG G . -14.96 23.35 -3.81
O6 NAG G . -12.60 24.32 -2.63
O7 NAG G . -18.95 22.33 -1.26
C1 NAG G . -14.30 27.70 -2.06
C2 NAG G . -13.94 29.02 -2.79
C3 NAG G . -13.46 30.10 -1.85
C4 NAG G . -14.54 30.31 -0.84
C5 NAG G . -14.87 28.94 -0.19
C6 NAG G . -15.94 29.04 0.92
C7 NAG G . -13.10 28.66 -5.01
C8 NAG G . -11.85 28.22 -5.83
N2 NAG G . -12.89 28.70 -3.72
O3 NAG G . -13.21 31.25 -2.61
O4 NAG G . -13.94 31.20 0.10
O5 NAG G . -15.40 28.05 -1.21
O6 NAG G . -17.13 29.42 0.22
O7 NAG G . -14.13 28.81 -5.58
C1 NAG H . 17.27 23.74 1.55
C2 NAG H . 18.31 24.67 0.94
C3 NAG H . 18.40 25.80 2.00
C4 NAG H . 17.05 26.47 2.26
C5 NAG H . 16.05 25.35 2.67
C6 NAG H . 14.63 25.79 2.87
C7 NAG H . 20.38 24.13 -0.28
C8 NAG H . 21.74 23.52 -0.41
N2 NAG H . 19.63 24.07 0.81
O3 NAG H . 19.44 26.68 1.63
O4 NAG H . 17.02 27.50 3.27
O5 NAG H . 16.03 24.35 1.66
O6 NAG H . 13.92 24.77 3.57
O7 NAG H . 19.94 24.70 -1.24
C1 NAG I . 7.68 -17.91 21.43
C2 NAG I . 6.19 -18.09 21.19
C3 NAG I . 5.91 -19.35 22.05
C4 NAG I . 6.90 -20.50 21.67
C5 NAG I . 8.35 -20.03 21.80
C6 NAG I . 9.39 -21.05 21.37
C7 NAG I . 4.75 -15.99 21.04
C8 NAG I . 4.34 -16.23 19.63
N2 NAG I . 5.55 -16.85 21.67
O3 NAG I . 4.53 -19.72 22.00
O4 NAG I . 6.69 -21.66 22.46
O5 NAG I . 8.47 -18.95 20.91
O6 NAG I . 8.79 -21.73 20.29
O7 NAG I . 4.28 -14.96 21.54
C1 NAG J . -26.99 -3.41 -8.54
C2 NAG J . -26.60 -2.64 -9.78
C3 NAG J . -27.65 -1.53 -9.97
C4 NAG J . -29.03 -2.20 -9.95
C5 NAG J . -29.27 -3.05 -8.67
C6 NAG J . -30.63 -3.74 -8.62
C7 NAG J . -24.26 -2.32 -10.43
C8 NAG J . -22.96 -1.63 -10.13
N2 NAG J . -25.28 -2.08 -9.60
O3 NAG J . -27.39 -0.74 -11.12
O4 NAG J . -29.94 -1.13 -10.06
O5 NAG J . -28.26 -4.04 -8.62
O6 NAG J . -30.87 -4.29 -9.88
O7 NAG J . -24.34 -3.05 -11.41
C1 NAG K . 20.56 -5.05 -22.37
C2 NAG K . 21.55 -5.26 -23.54
C3 NAG K . 23.01 -5.17 -23.06
C4 NAG K . 23.20 -3.86 -22.25
C5 NAG K . 22.07 -3.80 -21.17
C6 NAG K . 22.27 -2.65 -20.21
C7 NAG K . 20.83 -6.48 -25.57
C8 NAG K . 20.48 -7.80 -26.28
N2 NAG K . 21.23 -6.51 -24.26
O3 NAG K . 23.86 -5.27 -24.22
O4 NAG K . 24.48 -3.83 -21.64
O5 NAG K . 20.77 -3.76 -21.78
O6 NAG K . 22.13 -1.50 -20.99
O7 NAG K . 20.78 -5.41 -26.17
O20 E18 L . -7.69 -0.26 -1.77
S19 E18 L . -7.22 0.82 -2.53
O21 E18 L . -7.44 2.13 -1.83
O22 E18 L . -7.79 0.91 -3.88
O18 E18 L . -5.63 0.85 -2.85
N17 E18 L . -5.10 2.05 -3.22
C13 E18 L . -4.05 2.07 -3.92
S1 E18 L . -3.37 0.53 -4.36
C1 E18 L . -1.57 0.28 -4.49
C2 E18 L . -0.88 1.35 -5.32
N18 E18 L . 0.19 1.01 -6.31
C20 E18 L . 1.40 0.38 -5.73
C19 E18 L . 0.62 2.31 -6.90
CB E18 L . -3.62 3.51 -4.23
CG E18 L . -3.93 3.91 -5.64
CD2 E18 L . -2.98 4.43 -6.50
CE2 E18 L . -3.21 4.61 -7.82
CZ E18 L . -4.48 4.30 -8.32
CE1 E18 L . -5.41 3.75 -7.49
CD1 E18 L . -5.16 3.51 -6.14
ZN ZN M . 3.02 -17.09 -16.74
S SO4 N . -10.65 1.26 -5.14
S SO4 N . -12.62 3.54 -4.86
O1 SO4 N . -11.34 0.52 -6.22
O1 SO4 N . -13.53 2.71 -5.66
O2 SO4 N . -11.53 2.26 -4.48
O2 SO4 N . -13.19 4.83 -4.76
O3 SO4 N . -10.37 0.19 -4.20
O3 SO4 N . -12.51 2.96 -3.49
O4 SO4 N . -9.40 1.87 -5.59
O4 SO4 N . -11.42 3.94 -5.60
S SO4 O . -16.15 -21.63 -1.09
O1 SO4 O . -17.06 -20.50 -0.85
O2 SO4 O . -16.18 -22.59 -0.06
O3 SO4 O . -14.91 -21.27 -1.57
O4 SO4 O . -16.73 -22.24 -2.27
S SO4 P . 0.82 -30.92 6.35
O1 SO4 P . 1.03 -30.65 7.78
O2 SO4 P . 2.07 -30.65 5.59
O3 SO4 P . -0.47 -30.29 5.89
O4 SO4 P . 0.69 -32.39 6.15
S SO4 Q . -2.06 27.59 -4.68
O1 SO4 Q . -2.33 26.90 -3.45
O2 SO4 Q . -0.97 28.52 -4.59
O3 SO4 Q . -3.22 28.26 -5.17
O4 SO4 Q . -1.67 26.71 -5.78
S SO4 R . -27.70 11.54 7.12
O1 SO4 R . -27.27 12.93 7.33
O2 SO4 R . -27.70 11.33 5.62
O3 SO4 R . -29.11 11.19 7.45
O4 SO4 R . -26.84 10.60 7.82
S SO4 S . 13.51 -23.76 9.57
O1 SO4 S . 13.98 -22.67 10.49
O2 SO4 S . 13.89 -24.97 10.32
O3 SO4 S . 14.46 -23.44 8.48
O4 SO4 S . 12.05 -23.93 9.17
S SO4 T . -9.85 -9.02 -23.37
O1 SO4 T . -9.03 -8.01 -22.64
O2 SO4 T . -10.03 -8.56 -24.75
O3 SO4 T . -11.14 -9.23 -22.71
O4 SO4 T . -9.12 -10.28 -23.42
C1 GOL U . -32.86 18.79 4.62
O1 GOL U . -32.42 17.49 4.32
C2 GOL U . -31.70 19.72 4.97
O2 GOL U . -31.13 19.59 6.24
C3 GOL U . -32.20 21.12 4.86
O3 GOL U . -31.69 21.88 5.92
C1 GOL V . -8.58 -18.66 -8.21
O1 GOL V . -7.93 -19.56 -8.99
C2 GOL V . -7.66 -18.01 -7.16
O2 GOL V . -7.46 -19.08 -6.19
C3 GOL V . -6.69 -16.98 -7.79
O3 GOL V . -7.45 -16.30 -8.78
O3 GOL V . -5.36 -17.09 -7.34
C1 GOL W . 18.80 -3.65 20.92
O1 GOL W . 18.95 -4.80 21.72
C2 GOL W . 20.02 -3.25 20.08
O2 GOL W . 21.13 -2.78 20.86
C3 GOL W . 20.44 -4.30 19.06
O3 GOL W . 21.31 -3.69 18.06
C1 GOL X . 22.22 2.37 8.09
O1 GOL X . 23.39 1.76 7.58
C2 GOL X . 21.66 1.58 9.27
O2 GOL X . 20.32 1.20 8.94
C3 GOL X . 21.82 2.29 10.63
O3 GOL X . 21.26 3.57 10.85
#